data_8WC8
#
_entry.id   8WC8
#
loop_
_entity.id
_entity.type
_entity.pdbx_description
1 polymer 'Guanine nucleotide-binding protein G(s) subunit alpha isoforms short'
2 polymer 'Guanine nucleotide-binding protein G(I)/G(S)/G(T) subunit beta-1'
3 polymer 'Trace amine-associated receptor 1'
4 polymer scFv16
5 polymer 'Guanine nucleotide-binding protein G(I)/G(S)/G(O) subunit gamma-2'
6 non-polymer 2-(4-bromophenyl)ethanamine
#
loop_
_entity_poly.entity_id
_entity_poly.type
_entity_poly.pdbx_seq_one_letter_code
_entity_poly.pdbx_strand_id
1 'polypeptide(L)'
;MMGCTLSAEDKAAVERSKMIEKQLQKDKQVYRATHRLLLLGADNSGKSTIVKQMRIYHVNGYSEEECKQYKAVVYSNTIQ
SIIAIIRAMGRLKIDFGDSARADDARQLFVLAGAAEEGFMTAELAGVIKRLWKDSGVQACFNRSREYQLNDSAAYYLNDL
DRIAQPNYIPTQQDVLRTRVKTSGIFETKFQVDKVNFHMFDVGAQRDERRKWIQCFNDVTAIIFVVDSSDYNRLQEALND
FKSIWNNRWLRTISVILFLNKQDLLAEKVLAGKSKIEDYFPEFARYTTPEDATPEPGEDPRVTRAKYFIRDEFLRISTAS
GDGRHYCYPHFTCSVDTENARRIFNDCRDIIQRMHLRQYELL
;
A
2 'polypeptide(L)'
;MGSLLQSELDQLRQEAEQLKNQIRDARKACADATLSQITNNIDPVGRIQMRTRRTLRGHLAKIYAMHWGTDSRLLVSASQ
DGKLIIWDSYTTNKVHAIPLRSSWVMTCAYAPSGNYVACGGLDNICSIYNLKTREGNVRVSRELAGHTGYLSCCRFLDDN
QIVTSSGDTTCALWDIETGQQTTTFTGHTGDVMSLSLAPDTRLFVSGACDASAKLWDVREGMCRQTFTGHESDINAICFF
PNGNAFATGSDDATCRLFDLRADQELMTYSHDNIICGITSVSFSKSGRLLLAGYDDFNCNVWDALKADRAGVLAGHDNRV
SCLGVTDDGMAVATGSWDSFLKIWN
;
B
3 'polypeptide(L)'
;MMPFCHNIINISCVKNNWSNDVRASLYSLMVLIILTTLVGNLIVIVSISHFKQLHTPTNWLIHSMATVDFLLGCLVMPYS
MVRSAEHCWYFGEVFCKIHTSTDIMLSSASIFHLSFISIDRYYAVCDPLRYKAKMNILVICVMIFISWSVPAVFAFGMIF
LELNFKGAEEIYYKHVHCRGGCSVFFSKISGVLTFMTSFYIPGSIMLCVYYRIYLIAKEQARLISDANQKLQIGLEMKNG
ISQSKERKAVKTLGIVMGVFLICWCPFFICTVMDPFLHYIIPPTLNDVLIWFGYLNSTFNPMVYAFFYPWFRKALKMMLF
GKIFQKDSSRCKLFLELSS
;
R
4 'polypeptide(L)'
;MLLVNQSHQGFNKEHTSKMVSAIVLYVLLAAAAHSAFAVQLVESGGGLVQPGGSRKLSCSASGFAFSSFGMHWVRQAPEK
GLEWVAYISSGSGTIYYADTVKGRFTISRDDPKNTLFLQMTSLRSEDTAMYYCVRSIYYYGSSPFDFWGQGTTLTVSAGG
GGSGGGGSGGGGSADIVMTQATSSVPVTPGESVSISCRSSKSLLHSNGNTYLYWFLQRPGQSPQLLIYRMSNLASGVPDR
FSGSGSGTAFTLTISRLEAEDVGVYYCMQHLEYPLTFGAGTKLEL
;
S
5 'polypeptide(L)' MASNNTASIAQARKLVEQLKMEANIDRIKVSKAAADLMAYCEAHAKEDPLLTPVPASENPFREKKFFCAIL Y
#
loop_
_chem_comp.id
_chem_comp.type
_chem_comp.name
_chem_comp.formula
VMT non-polymer 2-(4-bromophenyl)ethanamine 'C8 H10 Br N'
#
# COMPACT_ATOMS: atom_id res chain seq x y z
N THR A 5 8.04 -15.97 15.48
CA THR A 5 9.11 -14.99 15.42
C THR A 5 10.27 -15.42 16.31
N LEU A 6 9.97 -16.20 17.34
CA LEU A 6 11.00 -16.65 18.26
C LEU A 6 11.96 -17.62 17.58
N SER A 7 11.48 -18.36 16.58
CA SER A 7 12.30 -19.37 15.94
C SER A 7 13.31 -18.74 14.98
N ALA A 8 14.30 -19.55 14.58
CA ALA A 8 15.33 -19.06 13.67
C ALA A 8 14.78 -18.86 12.27
N GLU A 9 14.01 -19.83 11.77
CA GLU A 9 13.42 -19.70 10.44
C GLU A 9 12.45 -18.53 10.39
N ASP A 10 11.67 -18.34 11.45
CA ASP A 10 10.76 -17.20 11.50
C ASP A 10 11.52 -15.89 11.57
N LYS A 11 12.66 -15.87 12.27
CA LYS A 11 13.48 -14.66 12.29
C LYS A 11 14.02 -14.33 10.91
N ALA A 12 14.46 -15.35 10.17
CA ALA A 12 14.95 -15.10 8.82
C ALA A 12 13.81 -14.67 7.89
N ALA A 13 12.62 -15.22 8.09
CA ALA A 13 11.46 -14.75 7.33
C ALA A 13 11.16 -13.30 7.64
N VAL A 14 11.28 -12.90 8.91
CA VAL A 14 11.04 -11.52 9.30
C VAL A 14 12.07 -10.59 8.66
N GLU A 15 13.34 -11.01 8.63
CA GLU A 15 14.35 -10.15 8.00
C GLU A 15 14.16 -10.07 6.49
N ARG A 16 13.69 -11.16 5.86
CA ARG A 16 13.34 -11.09 4.45
C ARG A 16 12.19 -10.12 4.23
N SER A 17 11.18 -10.13 5.11
CA SER A 17 10.09 -9.18 5.01
C SER A 17 10.59 -7.75 5.19
N LYS A 18 11.57 -7.55 6.05
CA LYS A 18 12.12 -6.20 6.25
C LYS A 18 12.90 -5.74 5.01
N MET A 19 13.62 -6.65 4.35
CA MET A 19 14.24 -6.29 3.08
C MET A 19 13.19 -5.94 2.02
N ILE A 20 12.11 -6.71 1.98
CA ILE A 20 11.01 -6.39 1.07
C ILE A 20 10.47 -5.00 1.38
N GLU A 21 10.31 -4.68 2.66
CA GLU A 21 9.81 -3.38 3.07
C GLU A 21 10.78 -2.26 2.68
N LYS A 22 12.08 -2.51 2.76
CA LYS A 22 13.06 -1.51 2.33
C LYS A 22 12.96 -1.27 0.83
N GLN A 23 12.82 -2.34 0.05
CA GLN A 23 12.62 -2.18 -1.39
C GLN A 23 11.35 -1.40 -1.68
N LEU A 24 10.27 -1.69 -0.93
CA LEU A 24 9.02 -0.96 -1.10
C LEU A 24 9.17 0.51 -0.72
N GLN A 25 9.98 0.81 0.29
CA GLN A 25 10.23 2.19 0.66
C GLN A 25 10.96 2.93 -0.45
N LYS A 26 11.96 2.29 -1.06
CA LYS A 26 12.64 2.92 -2.18
C LYS A 26 11.69 3.12 -3.36
N ASP A 27 10.84 2.13 -3.63
CA ASP A 27 9.84 2.27 -4.68
C ASP A 27 8.87 3.41 -4.39
N LYS A 28 8.47 3.58 -3.13
CA LYS A 28 7.61 4.69 -2.76
C LYS A 28 8.31 6.03 -2.95
N GLN A 29 9.61 6.08 -2.63
CA GLN A 29 10.38 7.29 -2.86
C GLN A 29 10.39 7.66 -4.34
N VAL A 30 10.55 6.66 -5.21
CA VAL A 30 10.50 6.93 -6.64
C VAL A 30 9.07 7.31 -7.07
N TYR A 31 8.07 6.68 -6.47
CA TYR A 31 6.69 6.84 -6.90
C TYR A 31 6.14 8.23 -6.54
N ARG A 32 6.53 8.75 -5.37
CA ARG A 32 6.06 10.08 -4.98
C ARG A 32 6.65 11.15 -5.89
N ALA A 33 7.91 11.01 -6.27
CA ALA A 33 8.60 12.03 -7.08
C ALA A 33 8.41 11.78 -8.57
N THR A 34 7.16 11.59 -8.99
CA THR A 34 6.82 11.50 -10.40
C THR A 34 5.34 11.85 -10.54
N HIS A 35 4.99 12.36 -11.72
CA HIS A 35 3.64 12.82 -11.98
C HIS A 35 3.00 11.97 -13.07
N ARG A 36 1.82 11.45 -12.79
CA ARG A 36 1.12 10.56 -13.70
C ARG A 36 0.12 11.36 -14.52
N LEU A 37 0.11 11.13 -15.83
CA LEU A 37 -0.74 11.85 -16.77
C LEU A 37 -1.48 10.83 -17.62
N LEU A 38 -2.72 11.14 -17.98
CA LEU A 38 -3.52 10.27 -18.82
C LEU A 38 -3.71 10.94 -20.18
N LEU A 39 -3.22 10.29 -21.23
CA LEU A 39 -3.33 10.82 -22.58
C LEU A 39 -4.56 10.23 -23.26
N LEU A 40 -5.47 11.09 -23.67
CA LEU A 40 -6.70 10.68 -24.33
C LEU A 40 -6.86 11.43 -25.65
N GLY A 41 -7.63 10.84 -26.55
CA GLY A 41 -7.86 11.44 -27.85
C GLY A 41 -8.63 10.55 -28.78
N ALA A 42 -8.19 10.44 -30.03
CA ALA A 42 -8.85 9.61 -31.02
C ALA A 42 -7.83 9.16 -32.05
N ASP A 43 -8.26 8.23 -32.91
CA ASP A 43 -7.37 7.74 -33.96
C ASP A 43 -6.96 8.85 -34.91
N ASN A 44 -7.90 9.73 -35.27
CA ASN A 44 -7.59 10.81 -36.20
C ASN A 44 -6.68 11.86 -35.59
N SER A 45 -6.59 11.92 -34.25
CA SER A 45 -5.72 12.89 -33.60
C SER A 45 -4.26 12.47 -33.76
N GLY A 46 -3.37 13.28 -33.17
CA GLY A 46 -1.95 13.02 -33.28
C GLY A 46 -1.31 12.61 -31.98
N LYS A 47 -2.02 11.82 -31.17
CA LYS A 47 -1.47 11.36 -29.90
C LYS A 47 -0.23 10.50 -30.12
N SER A 48 -0.29 9.60 -31.11
CA SER A 48 0.88 8.77 -31.43
C SER A 48 2.04 9.64 -31.90
N THR A 49 1.77 10.63 -32.74
CA THR A 49 2.83 11.53 -33.18
C THR A 49 3.38 12.33 -32.00
N ILE A 50 2.51 12.75 -31.09
CA ILE A 50 2.97 13.51 -29.93
C ILE A 50 3.90 12.67 -29.07
N VAL A 51 3.50 11.43 -28.77
CA VAL A 51 4.33 10.60 -27.91
C VAL A 51 5.62 10.19 -28.63
N LYS A 52 5.58 10.05 -29.96
CA LYS A 52 6.81 9.75 -30.69
C LYS A 52 7.77 10.93 -30.67
N GLN A 53 7.26 12.15 -30.87
CA GLN A 53 8.13 13.33 -30.87
C GLN A 53 8.69 13.59 -29.48
N MET A 54 7.87 13.43 -28.44
CA MET A 54 8.34 13.65 -27.08
C MET A 54 9.41 12.62 -26.70
N ARG A 55 9.19 11.36 -27.06
CA ARG A 55 10.15 10.31 -26.78
C ARG A 55 10.12 9.23 -27.85
N THR A 182 -1.87 -5.84 -30.04
CA THR A 182 -3.13 -5.83 -29.30
C THR A 182 -2.93 -5.34 -27.87
N SER A 183 -1.85 -4.60 -27.65
CA SER A 183 -1.56 -4.07 -26.33
C SER A 183 -2.66 -3.09 -25.90
N GLY A 184 -2.97 -3.09 -24.61
CA GLY A 184 -4.06 -2.28 -24.10
C GLY A 184 -3.64 -0.96 -23.52
N ILE A 185 -2.34 -0.76 -23.31
CA ILE A 185 -1.83 0.49 -22.76
C ILE A 185 -0.38 0.66 -23.18
N PHE A 186 0.02 1.92 -23.32
CA PHE A 186 1.41 2.29 -23.61
C PHE A 186 1.82 3.37 -22.63
N GLU A 187 2.93 3.15 -21.95
CA GLU A 187 3.43 4.09 -20.95
C GLU A 187 4.68 4.78 -21.46
N THR A 188 4.74 6.10 -21.29
CA THR A 188 5.85 6.91 -21.77
C THR A 188 6.45 7.68 -20.59
N LYS A 189 7.76 7.56 -20.42
CA LYS A 189 8.52 8.35 -19.47
C LYS A 189 9.11 9.57 -20.18
N PHE A 190 8.85 10.76 -19.62
CA PHE A 190 9.62 11.92 -20.07
C PHE A 190 9.93 12.82 -18.89
N GLN A 191 11.16 13.30 -18.84
CA GLN A 191 11.66 14.11 -17.75
C GLN A 191 11.95 15.52 -18.25
N VAL A 192 11.45 16.52 -17.54
CA VAL A 192 11.73 17.92 -17.86
C VAL A 192 12.02 18.66 -16.56
N ASP A 193 13.11 19.44 -16.55
CA ASP A 193 13.56 20.18 -15.37
C ASP A 193 13.69 19.25 -14.17
N LYS A 194 14.26 18.07 -14.39
CA LYS A 194 14.47 17.06 -13.36
C LYS A 194 13.16 16.66 -12.70
N VAL A 195 12.06 16.69 -13.45
CA VAL A 195 10.75 16.24 -12.98
C VAL A 195 10.28 15.14 -13.92
N ASN A 196 9.88 14.00 -13.35
CA ASN A 196 9.52 12.82 -14.12
C ASN A 196 8.01 12.80 -14.37
N PHE A 197 7.64 12.45 -15.60
CA PHE A 197 6.25 12.38 -16.01
C PHE A 197 5.98 11.03 -16.65
N HIS A 198 5.12 10.24 -16.02
CA HIS A 198 4.49 9.09 -16.65
C HIS A 198 3.34 9.59 -17.51
N MET A 199 3.19 9.02 -18.70
CA MET A 199 2.06 9.34 -19.57
C MET A 199 1.49 8.03 -20.08
N PHE A 200 0.25 7.72 -19.67
CA PHE A 200 -0.40 6.48 -20.02
C PHE A 200 -1.40 6.74 -21.14
N ASP A 201 -1.25 6.03 -22.25
CA ASP A 201 -2.16 6.13 -23.38
C ASP A 201 -2.80 4.76 -23.58
N VAL A 202 -4.12 4.68 -23.39
CA VAL A 202 -4.81 3.41 -23.56
C VAL A 202 -4.85 3.06 -25.05
N GLY A 203 -4.53 1.81 -25.36
CA GLY A 203 -4.45 1.37 -26.73
C GLY A 203 -5.73 0.71 -27.21
N ALA A 204 -5.68 -0.61 -27.41
CA ALA A 204 -6.86 -1.35 -27.85
C ALA A 204 -7.88 -1.45 -26.73
N GLN A 205 -8.87 -0.56 -26.74
CA GLN A 205 -9.95 -0.58 -25.76
C GLN A 205 -11.26 -0.29 -26.47
N ARG A 206 -12.35 -0.75 -25.86
CA ARG A 206 -13.67 -0.54 -26.43
C ARG A 206 -14.07 0.93 -26.30
N ASP A 207 -15.18 1.27 -26.97
CA ASP A 207 -15.65 2.66 -26.95
C ASP A 207 -16.02 3.10 -25.55
N GLU A 208 -16.69 2.25 -24.78
CA GLU A 208 -17.06 2.59 -23.42
C GLU A 208 -15.82 2.65 -22.54
N ARG A 209 -15.72 3.72 -21.74
CA ARG A 209 -14.59 3.91 -20.85
C ARG A 209 -15.02 4.27 -19.43
N ARG A 210 -16.29 4.08 -19.08
CA ARG A 210 -16.79 4.50 -17.78
C ARG A 210 -16.23 3.66 -16.63
N LYS A 211 -15.58 2.54 -16.92
CA LYS A 211 -15.11 1.64 -15.87
C LYS A 211 -13.62 1.83 -15.56
N TRP A 212 -12.75 1.73 -16.57
CA TRP A 212 -11.33 1.83 -16.31
C TRP A 212 -10.89 3.25 -16.03
N ILE A 213 -11.69 4.25 -16.38
CA ILE A 213 -11.38 5.63 -16.07
C ILE A 213 -11.30 5.85 -14.56
N GLN A 214 -11.99 5.00 -13.78
CA GLN A 214 -11.89 5.09 -12.33
C GLN A 214 -10.46 4.89 -11.84
N CYS A 215 -9.64 4.19 -12.63
CA CYS A 215 -8.24 4.00 -12.27
C CYS A 215 -7.44 5.30 -12.31
N PHE A 216 -7.96 6.32 -12.98
CA PHE A 216 -7.24 7.57 -13.20
C PHE A 216 -7.87 8.74 -12.46
N ASN A 217 -8.32 8.51 -11.23
CA ASN A 217 -8.85 9.59 -10.40
C ASN A 217 -7.79 10.28 -9.57
N ASP A 218 -6.54 9.79 -9.61
CA ASP A 218 -5.44 10.39 -8.86
C ASP A 218 -4.32 10.88 -9.75
N VAL A 219 -4.54 10.94 -11.06
CA VAL A 219 -3.51 11.42 -11.98
C VAL A 219 -3.40 12.93 -11.87
N THR A 220 -2.25 13.47 -12.29
CA THR A 220 -2.03 14.91 -12.23
C THR A 220 -2.89 15.64 -13.26
N ALA A 221 -2.96 15.12 -14.49
CA ALA A 221 -3.71 15.80 -15.54
C ALA A 221 -4.07 14.81 -16.63
N ILE A 222 -5.01 15.23 -17.47
CA ILE A 222 -5.47 14.47 -18.62
C ILE A 222 -5.18 15.30 -19.86
N ILE A 223 -4.22 14.85 -20.66
CA ILE A 223 -3.89 15.53 -21.91
C ILE A 223 -4.84 15.02 -22.98
N PHE A 224 -5.78 15.86 -23.39
CA PHE A 224 -6.76 15.53 -24.41
C PHE A 224 -6.30 16.12 -25.74
N VAL A 225 -6.10 15.26 -26.74
CA VAL A 225 -5.54 15.65 -28.03
C VAL A 225 -6.66 15.64 -29.06
N VAL A 226 -6.77 16.72 -29.83
CA VAL A 226 -7.84 16.90 -30.82
C VAL A 226 -7.22 17.27 -32.15
N ASP A 227 -7.67 16.58 -33.22
CA ASP A 227 -7.30 16.94 -34.58
C ASP A 227 -8.26 18.01 -35.08
N SER A 228 -7.74 19.23 -35.27
CA SER A 228 -8.58 20.36 -35.61
C SER A 228 -8.89 20.46 -37.10
N SER A 229 -8.19 19.70 -37.94
CA SER A 229 -8.37 19.79 -39.39
C SER A 229 -9.37 18.80 -39.94
N ASP A 230 -9.99 17.98 -39.09
CA ASP A 230 -10.92 16.97 -39.59
C ASP A 230 -12.22 17.58 -40.11
N TYR A 231 -12.78 18.53 -39.34
CA TYR A 231 -14.02 19.23 -39.68
C TYR A 231 -15.24 18.30 -39.60
N ASN A 232 -15.01 17.01 -39.37
CA ASN A 232 -16.08 16.02 -39.30
C ASN A 232 -16.14 15.32 -37.96
N ARG A 233 -15.00 14.89 -37.43
CA ARG A 233 -14.94 14.28 -36.11
C ARG A 233 -14.83 15.32 -35.00
N LEU A 234 -14.90 16.61 -35.34
CA LEU A 234 -14.79 17.66 -34.34
C LEU A 234 -15.93 17.58 -33.33
N GLN A 235 -17.16 17.32 -33.80
CA GLN A 235 -18.27 17.16 -32.88
C GLN A 235 -18.08 15.94 -31.98
N GLU A 236 -17.55 14.85 -32.53
CA GLU A 236 -17.24 13.69 -31.71
C GLU A 236 -16.20 14.03 -30.64
N ALA A 237 -15.18 14.81 -31.01
CA ALA A 237 -14.20 15.26 -30.03
C ALA A 237 -14.83 16.12 -28.95
N LEU A 238 -15.75 17.01 -29.35
CA LEU A 238 -16.44 17.85 -28.37
C LEU A 238 -17.26 17.00 -27.40
N ASN A 239 -17.96 15.99 -27.92
CA ASN A 239 -18.74 15.11 -27.06
C ASN A 239 -17.84 14.32 -26.12
N ASP A 240 -16.71 13.84 -26.62
CA ASP A 240 -15.77 13.12 -25.77
C ASP A 240 -15.21 14.01 -24.66
N PHE A 241 -14.87 15.26 -25.01
CA PHE A 241 -14.37 16.19 -24.00
C PHE A 241 -15.45 16.52 -22.98
N LYS A 242 -16.70 16.66 -23.41
CA LYS A 242 -17.78 16.89 -22.47
C LYS A 242 -17.96 15.71 -21.54
N SER A 243 -17.86 14.49 -22.06
CA SER A 243 -17.98 13.30 -21.22
C SER A 243 -16.84 13.23 -20.21
N ILE A 244 -15.62 13.54 -20.63
CA ILE A 244 -14.48 13.47 -19.73
C ILE A 244 -14.54 14.56 -18.67
N TRP A 245 -14.91 15.77 -19.07
CA TRP A 245 -14.93 16.90 -18.13
C TRP A 245 -15.96 16.68 -17.03
N ASN A 246 -17.14 16.17 -17.39
CA ASN A 246 -18.22 15.99 -16.43
C ASN A 246 -18.21 14.61 -15.78
N ASN A 247 -17.16 13.83 -15.97
CA ASN A 247 -17.08 12.51 -15.34
C ASN A 247 -17.04 12.65 -13.82
N ARG A 248 -17.77 11.76 -13.15
CA ARG A 248 -17.83 11.81 -11.70
C ARG A 248 -16.48 11.52 -11.06
N TRP A 249 -15.74 10.54 -11.60
CA TRP A 249 -14.46 10.16 -11.04
C TRP A 249 -13.32 11.09 -11.46
N LEU A 250 -13.54 11.93 -12.48
CA LEU A 250 -12.49 12.82 -12.97
C LEU A 250 -12.63 14.24 -12.43
N ARG A 251 -13.48 14.45 -11.44
CA ARG A 251 -13.52 15.74 -10.75
C ARG A 251 -12.20 15.96 -10.01
N THR A 252 -11.82 17.23 -9.90
CA THR A 252 -10.53 17.67 -9.36
C THR A 252 -9.36 17.20 -10.20
N ILE A 253 -9.60 16.74 -11.43
CA ILE A 253 -8.55 16.37 -12.36
C ILE A 253 -8.62 17.33 -13.54
N SER A 254 -7.53 18.03 -13.79
CA SER A 254 -7.52 19.06 -14.82
C SER A 254 -7.20 18.46 -16.19
N VAL A 255 -7.68 19.12 -17.23
CA VAL A 255 -7.54 18.67 -18.60
C VAL A 255 -6.69 19.69 -19.36
N ILE A 256 -5.70 19.19 -20.10
CA ILE A 256 -4.83 20.01 -20.94
C ILE A 256 -5.20 19.72 -22.38
N LEU A 257 -5.72 20.72 -23.08
CA LEU A 257 -6.16 20.56 -24.47
C LEU A 257 -5.00 20.82 -25.41
N PHE A 258 -4.61 19.78 -26.16
CA PHE A 258 -3.68 19.91 -27.27
C PHE A 258 -4.49 19.85 -28.55
N LEU A 259 -4.24 20.80 -29.45
CA LEU A 259 -4.94 20.87 -30.73
C LEU A 259 -3.91 20.72 -31.84
N ASN A 260 -3.81 19.53 -32.42
CA ASN A 260 -2.83 19.25 -33.44
C ASN A 260 -3.35 19.66 -34.83
N LYS A 261 -2.52 19.41 -35.84
CA LYS A 261 -2.84 19.71 -37.23
C LYS A 261 -3.12 21.20 -37.42
N GLN A 262 -2.45 22.04 -36.64
CA GLN A 262 -2.60 23.49 -36.80
C GLN A 262 -2.11 23.94 -38.16
N ASP A 263 -0.99 23.41 -38.63
CA ASP A 263 -0.55 23.70 -39.99
C ASP A 263 -1.52 23.14 -41.02
N LEU A 264 -1.98 21.91 -40.82
CA LEU A 264 -2.99 21.33 -41.71
C LEU A 264 -4.26 22.16 -41.70
N LEU A 265 -4.70 22.56 -40.50
CA LEU A 265 -5.80 23.51 -40.39
C LEU A 265 -5.51 24.78 -41.17
N ALA A 266 -4.25 25.22 -41.20
CA ALA A 266 -3.90 26.44 -41.90
C ALA A 266 -4.11 26.31 -43.40
N GLU A 267 -3.57 25.25 -44.02
CA GLU A 267 -3.79 25.17 -45.47
C GLU A 267 -5.25 24.83 -45.78
N LYS A 268 -5.94 24.10 -44.90
CA LYS A 268 -7.35 23.83 -45.13
C LYS A 268 -8.17 25.11 -45.11
N VAL A 269 -7.85 26.02 -44.18
CA VAL A 269 -8.58 27.28 -44.09
C VAL A 269 -8.25 28.19 -45.27
N LEU A 270 -6.95 28.31 -45.61
CA LEU A 270 -6.57 29.25 -46.65
C LEU A 270 -6.94 28.77 -48.05
N ALA A 271 -6.98 27.45 -48.26
CA ALA A 271 -7.29 26.90 -49.57
C ALA A 271 -8.78 26.86 -49.87
N GLY A 272 -9.64 27.10 -48.86
CA GLY A 272 -11.07 27.05 -49.10
C GLY A 272 -11.55 25.62 -49.33
N LYS A 273 -12.67 25.52 -50.05
CA LYS A 273 -13.33 24.28 -50.44
C LYS A 273 -13.88 23.49 -49.25
N SER A 274 -13.77 24.02 -48.03
CA SER A 274 -14.29 23.35 -46.83
C SER A 274 -14.84 24.44 -45.92
N LYS A 275 -16.14 24.69 -46.03
CA LYS A 275 -16.77 25.77 -45.27
C LYS A 275 -16.86 25.39 -43.79
N ILE A 276 -16.23 26.19 -42.93
CA ILE A 276 -16.31 25.94 -41.51
C ILE A 276 -17.71 26.21 -40.98
N GLU A 277 -18.36 27.27 -41.50
CA GLU A 277 -19.71 27.62 -41.06
C GLU A 277 -20.74 26.57 -41.45
N ASP A 278 -20.45 25.75 -42.46
CA ASP A 278 -21.39 24.68 -42.83
C ASP A 278 -21.55 23.67 -41.70
N TYR A 279 -20.44 23.26 -41.09
CA TYR A 279 -20.51 22.31 -39.99
C TYR A 279 -21.03 22.96 -38.72
N PHE A 280 -20.55 24.17 -38.42
CA PHE A 280 -20.99 24.91 -37.23
C PHE A 280 -21.67 26.19 -37.67
N PRO A 281 -23.00 26.29 -37.55
CA PRO A 281 -23.71 27.50 -38.02
C PRO A 281 -23.31 28.76 -37.28
N GLU A 282 -22.77 28.65 -36.07
CA GLU A 282 -22.40 29.82 -35.28
C GLU A 282 -21.02 30.37 -35.63
N PHE A 283 -20.30 29.74 -36.56
CA PHE A 283 -18.97 30.24 -36.93
C PHE A 283 -19.07 31.60 -37.60
N ALA A 284 -20.08 31.79 -38.46
CA ALA A 284 -20.21 33.06 -39.17
C ALA A 284 -20.45 34.22 -38.20
N ARG A 285 -21.27 34.01 -37.18
CA ARG A 285 -21.55 35.04 -36.18
C ARG A 285 -20.58 34.95 -35.00
N TYR A 286 -19.28 34.96 -35.30
CA TYR A 286 -18.25 34.88 -34.28
C TYR A 286 -17.05 35.73 -34.68
N THR A 287 -16.43 36.35 -33.70
CA THR A 287 -15.27 37.21 -33.92
C THR A 287 -14.15 36.80 -32.96
N THR A 288 -12.92 37.09 -33.37
CA THR A 288 -11.74 36.75 -32.58
C THR A 288 -11.75 37.46 -31.22
N GLU A 298 -0.42 34.49 -39.11
CA GLU A 298 -0.67 34.25 -40.53
C GLU A 298 -1.91 34.99 -41.00
N ASP A 299 -2.71 34.31 -41.82
CA ASP A 299 -3.94 34.92 -42.33
C ASP A 299 -4.93 35.10 -41.19
N PRO A 300 -5.72 36.18 -41.18
CA PRO A 300 -6.70 36.37 -40.09
C PRO A 300 -7.73 35.25 -40.02
N ARG A 301 -8.07 34.64 -41.16
CA ARG A 301 -9.07 33.58 -41.15
C ARG A 301 -8.59 32.36 -40.38
N VAL A 302 -7.30 32.01 -40.52
CA VAL A 302 -6.77 30.86 -39.80
C VAL A 302 -6.84 31.09 -38.29
N THR A 303 -6.43 32.29 -37.86
CA THR A 303 -6.51 32.62 -36.43
C THR A 303 -7.95 32.63 -35.94
N ARG A 304 -8.87 33.16 -36.75
CA ARG A 304 -10.28 33.17 -36.36
C ARG A 304 -10.81 31.75 -36.18
N ALA A 305 -10.47 30.85 -37.11
CA ALA A 305 -10.91 29.47 -36.99
C ALA A 305 -10.29 28.79 -35.77
N LYS A 306 -9.00 29.02 -35.53
CA LYS A 306 -8.33 28.43 -34.39
C LYS A 306 -9.00 28.87 -33.08
N TYR A 307 -9.26 30.16 -32.95
CA TYR A 307 -9.85 30.65 -31.71
C TYR A 307 -11.32 30.29 -31.61
N PHE A 308 -12.00 30.10 -32.74
CA PHE A 308 -13.37 29.58 -32.68
C PHE A 308 -13.39 28.17 -32.13
N ILE A 309 -12.47 27.32 -32.60
CA ILE A 309 -12.39 25.96 -32.07
C ILE A 309 -12.03 25.99 -30.59
N ARG A 310 -11.08 26.86 -30.21
CA ARG A 310 -10.68 26.96 -28.82
C ARG A 310 -11.85 27.39 -27.94
N ASP A 311 -12.61 28.40 -28.38
CA ASP A 311 -13.76 28.84 -27.59
C ASP A 311 -14.83 27.76 -27.51
N GLU A 312 -15.05 27.04 -28.61
CA GLU A 312 -16.03 25.96 -28.60
C GLU A 312 -15.62 24.86 -27.64
N PHE A 313 -14.31 24.64 -27.48
CA PHE A 313 -13.85 23.65 -26.51
C PHE A 313 -13.96 24.17 -25.08
N LEU A 314 -13.62 25.44 -24.86
CA LEU A 314 -13.61 25.98 -23.50
C LEU A 314 -15.00 26.31 -22.98
N ARG A 315 -16.01 26.43 -23.84
CA ARG A 315 -17.36 26.67 -23.34
C ARG A 315 -17.85 25.50 -22.49
N ILE A 316 -17.47 24.27 -22.87
CA ILE A 316 -17.86 23.10 -22.10
C ILE A 316 -17.19 23.12 -20.73
N SER A 317 -15.90 23.46 -20.69
CA SER A 317 -15.19 23.50 -19.42
C SER A 317 -15.72 24.60 -18.51
N THR A 318 -16.06 25.76 -19.08
CA THR A 318 -16.60 26.85 -18.28
C THR A 318 -18.05 26.64 -17.89
N ALA A 319 -18.77 25.74 -18.59
CA ALA A 319 -20.15 25.48 -18.23
C ALA A 319 -20.28 24.86 -16.84
N SER A 320 -19.35 23.97 -16.49
CA SER A 320 -19.39 23.29 -15.20
C SER A 320 -18.10 23.49 -14.43
N GLY A 321 -17.95 22.74 -13.34
CA GLY A 321 -16.76 22.84 -12.52
C GLY A 321 -16.66 24.16 -11.78
N GLY A 323 -14.77 24.80 -10.50
CA GLY A 323 -13.97 25.41 -9.46
C GLY A 323 -12.94 24.48 -8.86
N ARG A 324 -13.03 23.20 -9.22
CA ARG A 324 -12.11 22.19 -8.71
C ARG A 324 -11.06 21.75 -9.73
N HIS A 325 -11.35 21.90 -11.02
CA HIS A 325 -10.38 21.56 -12.07
C HIS A 325 -10.54 22.53 -13.23
N TYR A 326 -9.46 22.73 -13.96
CA TYR A 326 -9.39 23.76 -14.98
C TYR A 326 -8.89 23.17 -16.30
N CYS A 327 -9.21 23.86 -17.39
CA CYS A 327 -8.81 23.47 -18.73
C CYS A 327 -7.70 24.39 -19.22
N TYR A 328 -6.71 23.80 -19.90
CA TYR A 328 -5.52 24.51 -20.38
C TYR A 328 -5.38 24.30 -21.88
N PRO A 329 -6.05 25.11 -22.69
CA PRO A 329 -5.96 24.93 -24.14
C PRO A 329 -4.57 25.25 -24.67
N HIS A 330 -4.23 24.62 -25.79
CA HIS A 330 -2.95 24.84 -26.45
C HIS A 330 -3.12 24.60 -27.94
N PHE A 331 -2.17 25.15 -28.71
CA PHE A 331 -2.11 24.92 -30.16
C PHE A 331 -0.78 24.26 -30.47
N THR A 332 -0.83 23.07 -31.08
CA THR A 332 0.35 22.28 -31.37
C THR A 332 0.41 21.97 -32.85
N CYS A 333 1.57 22.17 -33.45
CA CYS A 333 1.76 21.86 -34.86
C CYS A 333 1.95 20.35 -35.04
N SER A 334 2.29 19.93 -36.26
CA SER A 334 2.49 18.50 -36.52
C SER A 334 3.66 17.96 -35.71
N VAL A 335 4.76 18.70 -35.65
CA VAL A 335 5.95 18.31 -34.91
C VAL A 335 6.45 19.53 -34.15
N ASP A 336 6.26 19.54 -32.83
CA ASP A 336 6.71 20.64 -31.99
C ASP A 336 7.43 20.08 -30.77
N THR A 337 8.53 20.74 -30.39
CA THR A 337 9.32 20.31 -29.25
C THR A 337 8.90 20.99 -27.95
N GLU A 338 7.92 21.88 -28.00
CA GLU A 338 7.47 22.60 -26.82
C GLU A 338 6.33 21.91 -26.08
N ASN A 339 5.94 20.71 -26.52
CA ASN A 339 4.85 19.99 -25.88
C ASN A 339 5.20 19.62 -24.43
N ALA A 340 6.43 19.12 -24.22
CA ALA A 340 6.84 18.77 -22.87
C ALA A 340 6.92 19.99 -21.97
N ARG A 341 7.42 21.11 -22.51
CA ARG A 341 7.54 22.32 -21.71
C ARG A 341 6.17 22.85 -21.27
N ARG A 342 5.20 22.86 -22.20
CA ARG A 342 3.88 23.35 -21.85
C ARG A 342 3.14 22.37 -20.94
N ILE A 343 3.39 21.07 -21.09
CA ILE A 343 2.86 20.10 -20.13
C ILE A 343 3.41 20.37 -18.75
N PHE A 344 4.72 20.64 -18.66
CA PHE A 344 5.34 20.97 -17.38
C PHE A 344 4.72 22.22 -16.77
N ASN A 345 4.53 23.26 -17.58
CA ASN A 345 3.95 24.50 -17.07
C ASN A 345 2.52 24.29 -16.59
N ASP A 346 1.72 23.56 -17.37
CA ASP A 346 0.33 23.31 -16.98
C ASP A 346 0.26 22.47 -15.71
N CYS A 347 1.13 21.46 -15.59
CA CYS A 347 1.14 20.65 -14.39
C CYS A 347 1.56 21.47 -13.17
N ARG A 348 2.55 22.36 -13.34
CA ARG A 348 2.94 23.23 -12.25
C ARG A 348 1.78 24.11 -11.81
N ASP A 349 1.06 24.69 -12.76
CA ASP A 349 -0.09 25.53 -12.42
C ASP A 349 -1.18 24.70 -11.73
N ILE A 350 -1.43 23.48 -12.22
CA ILE A 350 -2.46 22.64 -11.65
C ILE A 350 -2.14 22.31 -10.19
N ILE A 351 -0.91 21.88 -9.93
CA ILE A 351 -0.54 21.50 -8.57
C ILE A 351 -0.50 22.73 -7.66
N GLN A 352 -0.06 23.87 -8.19
CA GLN A 352 -0.05 25.09 -7.39
C GLN A 352 -1.46 25.50 -6.99
N ARG A 353 -2.41 25.45 -7.92
CA ARG A 353 -3.78 25.80 -7.60
C ARG A 353 -4.40 24.79 -6.65
N MET A 354 -4.08 23.51 -6.80
CA MET A 354 -4.59 22.50 -5.89
C MET A 354 -4.07 22.74 -4.47
N HIS A 355 -2.79 23.08 -4.34
CA HIS A 355 -2.24 23.38 -3.02
C HIS A 355 -2.85 24.64 -2.43
N LEU A 356 -3.06 25.67 -3.25
CA LEU A 356 -3.68 26.90 -2.76
C LEU A 356 -5.11 26.63 -2.26
N ARG A 357 -5.87 25.82 -3.01
CA ARG A 357 -7.22 25.47 -2.56
C ARG A 357 -7.17 24.63 -1.29
N GLN A 358 -6.20 23.73 -1.19
CA GLN A 358 -6.10 22.88 -0.01
C GLN A 358 -5.89 23.71 1.27
N TYR A 359 -5.06 24.74 1.18
CA TYR A 359 -4.84 25.65 2.29
C TYR A 359 -5.82 26.83 2.29
N GLU A 360 -6.77 26.85 1.36
CA GLU A 360 -7.76 27.92 1.22
C GLU A 360 -7.09 29.29 1.09
N LEU A 361 -6.37 29.45 -0.02
CA LEU A 361 -5.81 30.73 -0.43
C LEU A 361 -6.27 31.16 -1.82
N LEU A 362 -7.27 30.51 -2.39
CA LEU A 362 -7.71 30.86 -3.74
C LEU A 362 -8.99 31.68 -3.70
N LYS B 20 -37.97 -15.72 -25.75
CA LYS B 20 -37.49 -14.75 -24.78
C LYS B 20 -38.47 -14.59 -23.62
N ASN B 21 -39.73 -14.27 -23.97
CA ASN B 21 -40.75 -14.12 -22.94
C ASN B 21 -41.10 -15.45 -22.31
N GLN B 22 -40.90 -16.56 -23.04
CA GLN B 22 -41.21 -17.88 -22.50
C GLN B 22 -40.34 -18.20 -21.29
N ILE B 23 -39.05 -17.85 -21.36
CA ILE B 23 -38.15 -18.10 -20.24
C ILE B 23 -38.58 -17.31 -19.02
N ARG B 24 -38.93 -16.03 -19.21
CA ARG B 24 -39.39 -15.22 -18.08
C ARG B 24 -40.68 -15.77 -17.49
N ASP B 25 -41.61 -16.21 -18.34
CA ASP B 25 -42.85 -16.78 -17.85
C ASP B 25 -42.59 -18.06 -17.06
N ALA B 26 -41.69 -18.92 -17.55
CA ALA B 26 -41.36 -20.14 -16.84
C ALA B 26 -40.70 -19.84 -15.49
N ARG B 27 -39.81 -18.85 -15.46
CA ARG B 27 -39.16 -18.46 -14.21
C ARG B 27 -40.18 -17.92 -13.21
N LYS B 28 -41.14 -17.11 -13.69
CA LYS B 28 -42.18 -16.60 -12.81
C LYS B 28 -43.06 -17.73 -12.28
N ALA B 29 -43.40 -18.69 -13.14
CA ALA B 29 -44.21 -19.82 -12.72
C ALA B 29 -43.49 -20.67 -11.68
N CYS B 30 -42.19 -20.90 -11.87
CA CYS B 30 -41.41 -21.73 -10.95
C CYS B 30 -41.24 -21.10 -9.58
N ALA B 31 -41.54 -19.81 -9.42
CA ALA B 31 -41.41 -19.12 -8.14
C ALA B 31 -42.62 -19.46 -7.27
N ASP B 32 -42.53 -20.62 -6.60
CA ASP B 32 -43.61 -21.06 -5.72
C ASP B 32 -43.79 -20.09 -4.55
N ALA B 33 -42.69 -19.68 -3.92
CA ALA B 33 -42.75 -18.74 -2.81
C ALA B 33 -41.40 -18.07 -2.65
N THR B 34 -41.40 -16.91 -2.01
CA THR B 34 -40.17 -16.21 -1.71
C THR B 34 -39.40 -16.91 -0.61
N LEU B 35 -38.07 -16.80 -0.66
CA LEU B 35 -37.25 -17.45 0.35
C LEU B 35 -37.41 -16.77 1.71
N SER B 36 -37.80 -15.50 1.71
CA SER B 36 -37.99 -14.79 2.98
C SER B 36 -39.12 -15.42 3.80
N GLN B 37 -40.22 -15.80 3.13
CA GLN B 37 -41.34 -16.41 3.85
C GLN B 37 -40.93 -17.75 4.45
N ILE B 38 -40.15 -18.55 3.71
CA ILE B 38 -39.68 -19.83 4.23
C ILE B 38 -38.73 -19.60 5.41
N THR B 39 -37.84 -18.61 5.29
CA THR B 39 -36.88 -18.30 6.34
C THR B 39 -37.36 -17.22 7.29
N ASN B 40 -38.67 -16.95 7.33
CA ASN B 40 -39.18 -15.97 8.29
C ASN B 40 -39.23 -16.52 9.70
N ASN B 41 -39.40 -17.84 9.86
CA ASN B 41 -39.59 -18.40 11.19
C ASN B 41 -38.27 -18.82 11.83
N ILE B 42 -37.18 -18.79 11.07
CA ILE B 42 -35.90 -19.25 11.60
C ILE B 42 -35.36 -18.24 12.60
N ASP B 43 -34.40 -18.68 13.41
CA ASP B 43 -33.79 -17.80 14.40
C ASP B 43 -32.70 -16.97 13.75
N PRO B 44 -32.82 -15.65 13.67
CA PRO B 44 -31.78 -14.84 13.06
C PRO B 44 -30.52 -14.80 13.94
N VAL B 45 -29.38 -14.68 13.28
CA VAL B 45 -28.12 -14.55 14.00
C VAL B 45 -28.03 -13.15 14.60
N GLY B 46 -27.33 -13.05 15.73
CA GLY B 46 -27.18 -11.79 16.43
C GLY B 46 -26.18 -10.87 15.77
N ARG B 47 -25.90 -9.74 16.43
CA ARG B 47 -24.94 -8.78 15.93
C ARG B 47 -23.56 -9.41 15.94
N ILE B 48 -23.04 -9.73 14.76
CA ILE B 48 -21.76 -10.39 14.61
C ILE B 48 -20.69 -9.29 14.65
N GLN B 49 -19.90 -9.28 15.72
CA GLN B 49 -18.85 -8.29 15.90
C GLN B 49 -17.52 -8.91 15.53
N MET B 50 -16.86 -8.34 14.53
CA MET B 50 -15.56 -8.81 14.06
C MET B 50 -14.55 -7.68 14.19
N ARG B 51 -13.41 -7.99 14.80
CA ARG B 51 -12.35 -7.02 15.03
C ARG B 51 -11.13 -7.36 14.19
N THR B 52 -10.48 -6.32 13.68
CA THR B 52 -9.26 -6.53 12.90
C THR B 52 -8.13 -7.04 13.79
N ARG B 53 -7.56 -8.18 13.41
CA ARG B 53 -6.48 -8.81 14.15
C ARG B 53 -5.12 -8.55 13.53
N ARG B 54 -5.07 -8.10 12.28
CA ARG B 54 -3.83 -7.83 11.59
C ARG B 54 -4.07 -6.78 10.51
N THR B 55 -3.08 -5.90 10.34
CA THR B 55 -3.12 -4.89 9.29
C THR B 55 -1.93 -5.11 8.37
N LEU B 56 -2.20 -5.38 7.10
CA LEU B 56 -1.17 -5.63 6.11
C LEU B 56 -0.94 -4.36 5.32
N ARG B 57 0.23 -3.74 5.53
CA ARG B 57 0.57 -2.47 4.91
C ARG B 57 1.89 -2.60 4.15
N GLY B 58 2.06 -1.69 3.19
CA GLY B 58 3.23 -1.72 2.34
C GLY B 58 2.93 -1.33 0.90
N HIS B 59 1.67 -1.51 0.49
CA HIS B 59 1.26 -1.10 -0.85
C HIS B 59 1.33 0.41 -0.99
N LEU B 60 1.66 0.87 -2.19
CA LEU B 60 1.82 2.30 -2.45
C LEU B 60 0.50 2.93 -2.89
N ALA B 61 -0.09 2.44 -3.97
CA ALA B 61 -1.31 2.98 -4.52
C ALA B 61 -2.52 2.20 -4.00
N LYS B 62 -3.69 2.48 -4.57
CA LYS B 62 -4.91 1.80 -4.16
C LYS B 62 -4.84 0.32 -4.51
N ILE B 63 -5.37 -0.51 -3.62
CA ILE B 63 -5.38 -1.96 -3.83
C ILE B 63 -6.62 -2.33 -4.63
N TYR B 64 -6.41 -3.07 -5.72
CA TYR B 64 -7.51 -3.39 -6.62
C TYR B 64 -8.01 -4.82 -6.52
N ALA B 65 -7.20 -5.75 -6.03
CA ALA B 65 -7.64 -7.13 -5.92
C ALA B 65 -6.79 -7.86 -4.89
N MET B 66 -7.33 -8.97 -4.38
CA MET B 66 -6.58 -9.88 -3.54
C MET B 66 -7.18 -11.27 -3.70
N HIS B 67 -6.41 -12.28 -3.30
CA HIS B 67 -6.89 -13.66 -3.36
C HIS B 67 -6.18 -14.47 -2.29
N TRP B 68 -6.96 -15.15 -1.45
CA TRP B 68 -6.40 -16.03 -0.44
C TRP B 68 -5.79 -17.28 -1.07
N GLY B 69 -4.90 -17.92 -0.33
CA GLY B 69 -4.43 -19.23 -0.72
C GLY B 69 -5.31 -20.34 -0.19
N THR B 70 -5.19 -21.52 -0.81
CA THR B 70 -5.89 -22.69 -0.30
C THR B 70 -5.36 -23.13 1.05
N ASP B 71 -4.12 -22.77 1.39
CA ASP B 71 -3.59 -23.01 2.72
C ASP B 71 -4.21 -22.11 3.77
N SER B 72 -4.99 -21.11 3.36
CA SER B 72 -5.66 -20.17 4.25
C SER B 72 -4.68 -19.31 5.05
N ARG B 73 -3.43 -19.26 4.62
CA ARG B 73 -2.41 -18.45 5.29
C ARG B 73 -1.77 -17.42 4.37
N LEU B 74 -1.46 -17.80 3.13
CA LEU B 74 -0.88 -16.87 2.17
C LEU B 74 -1.97 -16.18 1.37
N LEU B 75 -1.72 -14.94 0.98
CA LEU B 75 -2.64 -14.20 0.14
C LEU B 75 -1.84 -13.20 -0.70
N VAL B 76 -2.24 -13.07 -1.96
CA VAL B 76 -1.60 -12.16 -2.90
C VAL B 76 -2.55 -10.98 -3.14
N SER B 77 -1.99 -9.78 -3.10
CA SER B 77 -2.75 -8.56 -3.33
C SER B 77 -2.08 -7.74 -4.42
N ALA B 78 -2.90 -7.05 -5.22
CA ALA B 78 -2.44 -6.27 -6.36
C ALA B 78 -2.72 -4.80 -6.10
N SER B 79 -1.73 -3.95 -6.35
CA SER B 79 -1.86 -2.52 -6.16
C SER B 79 -1.74 -1.80 -7.50
N GLN B 80 -2.42 -0.65 -7.60
CA GLN B 80 -2.39 0.15 -8.81
C GLN B 80 -1.01 0.73 -9.11
N ASP B 81 -0.09 0.68 -8.14
CA ASP B 81 1.28 1.11 -8.36
C ASP B 81 2.06 0.15 -9.25
N GLY B 82 1.51 -1.03 -9.55
CA GLY B 82 2.22 -2.01 -10.34
C GLY B 82 3.00 -2.96 -9.46
N LYS B 83 2.32 -3.57 -8.48
CA LYS B 83 3.00 -4.42 -7.51
C LYS B 83 2.06 -5.50 -7.02
N LEU B 84 2.54 -6.75 -7.03
CA LEU B 84 1.89 -7.87 -6.35
C LEU B 84 2.65 -8.14 -5.06
N ILE B 85 1.93 -8.37 -3.98
CA ILE B 85 2.56 -8.71 -2.71
C ILE B 85 1.90 -9.96 -2.16
N ILE B 86 2.71 -10.97 -1.86
CA ILE B 86 2.26 -12.20 -1.24
C ILE B 86 2.65 -12.13 0.23
N TRP B 87 1.65 -12.09 1.11
CA TRP B 87 1.83 -11.91 2.54
C TRP B 87 1.76 -13.24 3.27
N ASP B 88 2.22 -13.20 4.52
CA ASP B 88 2.01 -14.27 5.49
C ASP B 88 1.00 -13.73 6.49
N SER B 89 -0.28 -14.02 6.25
CA SER B 89 -1.34 -13.39 7.04
C SER B 89 -1.25 -13.74 8.51
N TYR B 90 -0.70 -14.91 8.85
CA TYR B 90 -0.58 -15.27 10.26
C TYR B 90 0.45 -14.40 10.97
N THR B 91 1.57 -14.12 10.31
CA THR B 91 2.68 -13.40 10.93
C THR B 91 2.93 -12.02 10.33
N THR B 92 2.09 -11.57 9.40
CA THR B 92 2.14 -10.25 8.77
C THR B 92 3.36 -10.09 7.86
N ASN B 93 4.23 -11.09 7.79
CA ASN B 93 5.43 -10.99 6.97
C ASN B 93 5.08 -10.93 5.49
N LYS B 94 5.95 -10.28 4.72
CA LYS B 94 5.80 -10.16 3.27
C LYS B 94 6.64 -11.24 2.61
N VAL B 95 5.99 -12.31 2.15
CA VAL B 95 6.71 -13.44 1.56
C VAL B 95 7.32 -13.04 0.22
N HIS B 96 6.54 -12.39 -0.64
CA HIS B 96 6.99 -12.07 -1.99
C HIS B 96 6.57 -10.67 -2.37
N ALA B 97 7.40 -10.01 -3.18
CA ALA B 97 7.06 -8.72 -3.77
C ALA B 97 7.43 -8.78 -5.25
N ILE B 98 6.42 -8.87 -6.10
CA ILE B 98 6.59 -9.05 -7.54
C ILE B 98 6.34 -7.71 -8.23
N PRO B 99 7.32 -7.14 -8.93
CA PRO B 99 7.06 -5.90 -9.68
C PRO B 99 6.50 -6.18 -11.06
N LEU B 100 5.34 -5.60 -11.37
CA LEU B 100 4.67 -5.91 -12.62
C LEU B 100 5.22 -5.05 -13.76
N ARG B 101 5.09 -5.57 -14.98
CA ARG B 101 5.52 -4.84 -16.17
C ARG B 101 4.57 -3.72 -16.52
N SER B 102 3.30 -3.84 -16.14
CA SER B 102 2.30 -2.80 -16.36
C SER B 102 1.87 -2.23 -15.02
N SER B 103 1.79 -0.90 -14.94
CA SER B 103 1.47 -0.25 -13.68
C SER B 103 0.06 -0.55 -13.22
N TRP B 104 -0.90 -0.57 -14.15
CA TRP B 104 -2.32 -0.67 -13.79
C TRP B 104 -2.75 -2.13 -13.83
N VAL B 105 -3.04 -2.69 -12.65
CA VAL B 105 -3.52 -4.05 -12.51
C VAL B 105 -4.84 -4.00 -11.74
N MET B 106 -5.85 -4.71 -12.25
CA MET B 106 -7.18 -4.69 -11.66
C MET B 106 -7.63 -6.05 -11.16
N THR B 107 -6.80 -7.08 -11.28
CA THR B 107 -7.17 -8.40 -10.81
C THR B 107 -5.91 -9.19 -10.47
N CYS B 108 -6.06 -10.16 -9.57
CA CYS B 108 -4.99 -11.07 -9.24
C CYS B 108 -5.59 -12.35 -8.69
N ALA B 109 -4.91 -13.47 -8.98
CA ALA B 109 -5.35 -14.78 -8.53
C ALA B 109 -4.16 -15.55 -7.99
N TYR B 110 -4.43 -16.46 -7.07
CA TYR B 110 -3.40 -17.30 -6.48
C TYR B 110 -3.75 -18.74 -6.80
N ALA B 111 -2.80 -19.49 -7.33
CA ALA B 111 -3.09 -20.83 -7.83
C ALA B 111 -3.53 -21.75 -6.69
N PRO B 112 -4.43 -22.69 -6.96
CA PRO B 112 -4.86 -23.62 -5.89
C PRO B 112 -3.73 -24.42 -5.30
N SER B 113 -2.74 -24.79 -6.11
CA SER B 113 -1.56 -25.48 -5.61
C SER B 113 -0.54 -24.52 -5.03
N GLY B 114 -0.65 -23.23 -5.29
CA GLY B 114 0.27 -22.24 -4.76
C GLY B 114 1.53 -22.04 -5.56
N ASN B 115 1.67 -22.69 -6.72
CA ASN B 115 2.90 -22.58 -7.50
C ASN B 115 2.90 -21.38 -8.43
N TYR B 116 1.75 -20.73 -8.65
CA TYR B 116 1.64 -19.64 -9.61
C TYR B 116 0.75 -18.54 -9.07
N VAL B 117 0.96 -17.33 -9.59
CA VAL B 117 0.07 -16.21 -9.35
C VAL B 117 -0.23 -15.53 -10.69
N ALA B 118 -1.47 -15.08 -10.86
CA ALA B 118 -1.87 -14.42 -12.08
C ALA B 118 -2.23 -12.97 -11.79
N CYS B 119 -2.07 -12.11 -12.80
CA CYS B 119 -2.60 -10.76 -12.71
C CYS B 119 -2.95 -10.25 -14.11
N GLY B 120 -3.79 -9.23 -14.14
CA GLY B 120 -4.16 -8.59 -15.38
C GLY B 120 -4.69 -7.20 -15.11
N GLY B 121 -4.66 -6.37 -16.14
CA GLY B 121 -5.08 -5.00 -15.96
C GLY B 121 -5.41 -4.27 -17.23
N LEU B 122 -4.97 -3.00 -17.32
CA LEU B 122 -5.27 -2.19 -18.49
C LEU B 122 -4.62 -2.77 -19.73
N ASP B 123 -3.41 -3.30 -19.60
CA ASP B 123 -2.83 -4.06 -20.68
C ASP B 123 -3.65 -5.33 -20.92
N ASN B 124 -3.78 -5.73 -22.18
CA ASN B 124 -4.61 -6.88 -22.52
C ASN B 124 -3.81 -8.17 -22.38
N ILE B 125 -3.16 -8.35 -21.24
CA ILE B 125 -2.25 -9.47 -21.01
C ILE B 125 -2.57 -10.08 -19.65
N CYS B 126 -2.58 -11.40 -19.59
CA CYS B 126 -2.64 -12.13 -18.32
C CYS B 126 -1.25 -12.64 -18.01
N SER B 127 -0.66 -12.13 -16.93
CA SER B 127 0.69 -12.51 -16.54
C SER B 127 0.62 -13.61 -15.49
N ILE B 128 1.24 -14.75 -15.79
CA ILE B 128 1.34 -15.89 -14.89
C ILE B 128 2.78 -15.98 -14.42
N TYR B 129 2.99 -15.83 -13.12
CA TYR B 129 4.31 -15.90 -12.49
C TYR B 129 4.45 -17.21 -11.73
N ASN B 130 5.59 -17.86 -11.91
CA ASN B 130 5.92 -19.11 -11.24
C ASN B 130 6.62 -18.80 -9.92
N LEU B 131 5.96 -19.09 -8.80
CA LEU B 131 6.54 -18.81 -7.49
C LEU B 131 7.63 -19.81 -7.14
N LYS B 132 7.43 -21.08 -7.49
CA LYS B 132 8.38 -22.14 -7.17
C LYS B 132 9.36 -22.30 -8.31
N THR B 133 10.51 -21.66 -8.19
CA THR B 133 11.56 -21.74 -9.20
C THR B 133 12.88 -22.09 -8.54
N ARG B 134 13.70 -22.85 -9.26
CA ARG B 134 15.04 -23.16 -8.77
C ARG B 134 15.91 -21.91 -8.71
N GLU B 135 15.53 -20.88 -9.45
CA GLU B 135 16.25 -19.62 -9.49
C GLU B 135 16.34 -18.97 -8.12
N ASN B 137 13.80 -16.62 -6.81
CA ASN B 137 13.03 -15.46 -7.16
C ASN B 137 11.69 -15.81 -7.80
N VAL B 138 11.08 -14.86 -8.48
CA VAL B 138 9.79 -15.07 -9.13
C VAL B 138 9.88 -14.53 -10.55
N ARG B 139 9.62 -15.38 -11.53
CA ARG B 139 9.67 -15.02 -12.93
C ARG B 139 8.31 -15.20 -13.57
N VAL B 140 8.01 -14.36 -14.56
CA VAL B 140 6.76 -14.51 -15.29
C VAL B 140 6.82 -15.79 -16.12
N SER B 141 5.95 -16.75 -15.79
CA SER B 141 5.97 -18.03 -16.50
C SER B 141 5.31 -17.91 -17.86
N ARG B 142 4.30 -17.06 -17.97
CA ARG B 142 3.54 -16.98 -19.21
C ARG B 142 2.91 -15.59 -19.33
N GLU B 143 2.74 -15.13 -20.58
CA GLU B 143 2.08 -13.87 -20.90
C GLU B 143 0.97 -14.18 -21.89
N LEU B 144 -0.22 -14.48 -21.37
CA LEU B 144 -1.37 -14.80 -22.21
C LEU B 144 -1.86 -13.53 -22.90
N ALA B 145 -1.88 -13.56 -24.23
CA ALA B 145 -2.32 -12.43 -25.04
C ALA B 145 -3.38 -12.91 -26.03
N GLY B 146 -4.28 -11.99 -26.38
CA GLY B 146 -5.35 -12.33 -27.30
C GLY B 146 -6.66 -11.62 -26.97
N HIS B 147 -6.79 -11.15 -25.74
CA HIS B 147 -7.94 -10.35 -25.36
C HIS B 147 -7.82 -8.95 -25.94
N THR B 148 -8.96 -8.40 -26.36
CA THR B 148 -8.98 -7.05 -26.94
C THR B 148 -9.09 -5.97 -25.87
N GLY B 149 -9.83 -6.24 -24.79
CA GLY B 149 -10.01 -5.27 -23.73
C GLY B 149 -9.21 -5.60 -22.48
N TYR B 150 -9.32 -4.70 -21.51
CA TYR B 150 -8.63 -4.88 -20.23
C TYR B 150 -9.19 -6.07 -19.47
N LEU B 151 -8.31 -6.79 -18.79
CA LEU B 151 -8.70 -7.89 -17.93
C LEU B 151 -9.29 -7.36 -16.63
N SER B 152 -10.44 -7.90 -16.23
CA SER B 152 -11.06 -7.51 -14.98
C SER B 152 -11.04 -8.60 -13.92
N CYS B 153 -10.93 -9.87 -14.32
CA CYS B 153 -10.85 -10.96 -13.37
C CYS B 153 -10.16 -12.15 -14.02
N CYS B 154 -9.42 -12.90 -13.21
CA CYS B 154 -8.78 -14.12 -13.64
C CYS B 154 -8.81 -15.11 -12.48
N ARG B 155 -9.07 -16.37 -12.80
CA ARG B 155 -9.19 -17.41 -11.78
C ARG B 155 -8.56 -18.70 -12.30
N PHE B 156 -7.79 -19.36 -11.44
CA PHE B 156 -7.11 -20.59 -11.83
C PHE B 156 -8.04 -21.79 -11.69
N LEU B 157 -8.15 -22.58 -12.75
CA LEU B 157 -8.75 -23.90 -12.62
C LEU B 157 -7.75 -24.89 -12.04
N ASP B 158 -6.57 -24.96 -12.62
CA ASP B 158 -5.43 -25.70 -12.08
C ASP B 158 -4.16 -25.03 -12.59
N ASP B 159 -3.04 -25.73 -12.46
CA ASP B 159 -1.76 -25.15 -12.85
C ASP B 159 -1.61 -24.96 -14.35
N ASN B 160 -2.50 -25.53 -15.16
CA ASN B 160 -2.35 -25.50 -16.61
C ASN B 160 -3.36 -24.64 -17.33
N GLN B 161 -4.54 -24.42 -16.76
CA GLN B 161 -5.58 -23.64 -17.42
C GLN B 161 -6.13 -22.57 -16.47
N ILE B 162 -6.59 -21.47 -17.06
CA ILE B 162 -7.06 -20.31 -16.32
C ILE B 162 -8.17 -19.65 -17.11
N VAL B 163 -9.19 -19.17 -16.40
CA VAL B 163 -10.31 -18.45 -16.99
C VAL B 163 -10.15 -16.97 -16.68
N THR B 164 -10.11 -16.15 -17.72
CA THR B 164 -9.94 -14.71 -17.59
C THR B 164 -11.07 -13.99 -18.30
N SER B 165 -11.68 -13.02 -17.61
CA SER B 165 -12.72 -12.19 -18.20
C SER B 165 -12.13 -10.82 -18.51
N SER B 166 -12.49 -10.26 -19.64
CA SER B 166 -11.89 -9.01 -20.01
C SER B 166 -12.86 -7.91 -20.31
N GLY B 167 -12.33 -6.83 -20.83
CA GLY B 167 -13.16 -5.68 -21.16
C GLY B 167 -13.75 -5.68 -22.55
N ASP B 168 -13.47 -6.68 -23.36
CA ASP B 168 -14.10 -6.76 -24.69
C ASP B 168 -15.30 -7.68 -24.64
N THR B 169 -15.99 -7.74 -23.51
CA THR B 169 -17.24 -8.48 -23.35
C THR B 169 -17.05 -9.99 -23.57
N THR B 170 -15.85 -10.51 -23.29
CA THR B 170 -15.56 -11.91 -23.52
C THR B 170 -14.78 -12.50 -22.35
N CYS B 171 -15.02 -13.78 -22.11
CA CYS B 171 -14.21 -14.60 -21.21
C CYS B 171 -13.41 -15.60 -22.03
N ALA B 172 -12.35 -16.15 -21.42
CA ALA B 172 -11.48 -17.04 -22.16
C ALA B 172 -10.84 -18.06 -21.22
N LEU B 173 -10.98 -19.33 -21.58
CA LEU B 173 -10.21 -20.40 -20.96
C LEU B 173 -8.93 -20.61 -21.76
N TRP B 174 -7.79 -20.45 -21.09
CA TRP B 174 -6.48 -20.54 -21.72
C TRP B 174 -5.82 -21.87 -21.37
N ASP B 175 -4.73 -22.16 -22.08
CA ASP B 175 -3.85 -23.27 -21.78
C ASP B 175 -2.47 -22.67 -21.55
N ILE B 176 -2.06 -22.62 -20.27
CA ILE B 176 -0.84 -21.91 -19.91
C ILE B 176 0.38 -22.53 -20.59
N GLU B 177 0.41 -23.86 -20.70
CA GLU B 177 1.53 -24.52 -21.36
C GLU B 177 1.64 -24.08 -22.82
N THR B 178 0.51 -23.98 -23.51
CA THR B 178 0.49 -23.53 -24.90
C THR B 178 0.40 -22.02 -25.03
N GLY B 179 -0.32 -21.36 -24.13
CA GLY B 179 -0.49 -19.92 -24.19
C GLY B 179 -1.59 -19.43 -25.08
N GLN B 180 -2.36 -20.32 -25.70
CA GLN B 180 -3.43 -19.96 -26.61
C GLN B 180 -4.78 -20.20 -25.95
N GLN B 181 -5.78 -19.44 -26.40
CA GLN B 181 -7.12 -19.57 -25.86
C GLN B 181 -7.69 -20.94 -26.23
N THR B 182 -7.81 -21.83 -25.25
CA THR B 182 -8.45 -23.11 -25.48
C THR B 182 -9.92 -22.92 -25.83
N THR B 183 -10.61 -22.02 -25.13
CA THR B 183 -12.02 -21.78 -25.37
C THR B 183 -12.31 -20.30 -25.16
N THR B 184 -13.29 -19.79 -25.90
CA THR B 184 -13.75 -18.42 -25.75
C THR B 184 -15.24 -18.42 -25.41
N PHE B 185 -15.64 -17.51 -24.52
CA PHE B 185 -17.02 -17.39 -24.07
C PHE B 185 -17.51 -15.99 -24.43
N THR B 186 -18.52 -15.94 -25.29
CA THR B 186 -19.09 -14.69 -25.77
C THR B 186 -20.60 -14.70 -25.54
N GLY B 187 -21.19 -13.51 -25.53
CA GLY B 187 -22.61 -13.37 -25.29
C GLY B 187 -22.94 -12.14 -24.48
N HIS B 188 -21.98 -11.68 -23.68
CA HIS B 188 -22.17 -10.45 -22.93
C HIS B 188 -22.11 -9.25 -23.86
N THR B 189 -22.97 -8.26 -23.60
CA THR B 189 -22.95 -7.02 -24.36
C THR B 189 -22.08 -5.96 -23.71
N GLY B 190 -22.03 -5.92 -22.38
CA GLY B 190 -21.11 -5.06 -21.68
C GLY B 190 -19.87 -5.80 -21.24
N ASP B 191 -18.83 -5.04 -20.91
CA ASP B 191 -17.57 -5.65 -20.50
C ASP B 191 -17.72 -6.37 -19.16
N VAL B 192 -17.06 -7.52 -19.06
CA VAL B 192 -17.18 -8.37 -17.88
C VAL B 192 -16.28 -7.83 -16.78
N MET B 193 -16.84 -7.69 -15.58
CA MET B 193 -16.11 -7.10 -14.46
C MET B 193 -15.56 -8.12 -13.48
N SER B 194 -16.21 -9.26 -13.31
CA SER B 194 -15.74 -10.25 -12.36
C SER B 194 -16.28 -11.62 -12.74
N LEU B 195 -15.62 -12.66 -12.24
CA LEU B 195 -16.08 -14.03 -12.42
C LEU B 195 -15.74 -14.83 -11.16
N SER B 196 -16.48 -15.92 -10.96
CA SER B 196 -16.25 -16.83 -9.86
C SER B 196 -16.37 -18.27 -10.34
N LEU B 197 -15.55 -19.13 -9.78
CA LEU B 197 -15.52 -20.55 -10.16
C LEU B 197 -16.31 -21.37 -9.15
N ALA B 198 -17.05 -22.35 -9.67
CA ALA B 198 -17.79 -23.25 -8.81
C ALA B 198 -16.83 -24.15 -8.02
N PRO B 199 -17.25 -24.64 -6.84
CA PRO B 199 -16.38 -25.56 -6.10
C PRO B 199 -16.04 -26.82 -6.87
N ASP B 200 -16.96 -27.33 -7.69
CA ASP B 200 -16.65 -28.47 -8.55
C ASP B 200 -15.67 -28.11 -9.66
N THR B 201 -15.53 -26.82 -9.96
CA THR B 201 -14.62 -26.33 -10.99
C THR B 201 -14.91 -27.00 -12.34
N ARG B 202 -16.21 -27.09 -12.65
CA ARG B 202 -16.66 -27.56 -13.95
C ARG B 202 -17.45 -26.51 -14.71
N LEU B 203 -17.84 -25.41 -14.07
CA LEU B 203 -18.57 -24.33 -14.70
C LEU B 203 -18.41 -23.10 -13.81
N PHE B 204 -18.60 -21.92 -14.41
CA PHE B 204 -18.39 -20.68 -13.68
C PHE B 204 -19.44 -19.65 -14.07
N VAL B 205 -19.42 -18.51 -13.37
CA VAL B 205 -20.33 -17.42 -13.64
C VAL B 205 -19.50 -16.17 -13.95
N SER B 206 -20.09 -15.28 -14.74
CA SER B 206 -19.42 -14.02 -15.09
C SER B 206 -20.46 -12.91 -15.04
N GLY B 207 -20.14 -11.86 -14.29
CA GLY B 207 -20.98 -10.68 -14.22
C GLY B 207 -20.37 -9.56 -15.05
N ALA B 208 -21.20 -8.92 -15.87
CA ALA B 208 -20.76 -7.88 -16.78
C ALA B 208 -21.48 -6.58 -16.48
N CYS B 209 -21.07 -5.53 -17.20
CA CYS B 209 -21.74 -4.24 -17.12
C CYS B 209 -23.05 -4.21 -17.90
N ASP B 210 -23.41 -5.31 -18.56
CA ASP B 210 -24.70 -5.47 -19.21
C ASP B 210 -25.83 -5.67 -18.22
N ALA B 211 -25.55 -5.50 -16.92
CA ALA B 211 -26.53 -5.66 -15.85
C ALA B 211 -27.12 -7.07 -15.87
N SER B 212 -26.27 -8.06 -16.14
CA SER B 212 -26.70 -9.45 -16.16
C SER B 212 -25.51 -10.34 -15.84
N ALA B 213 -25.81 -11.55 -15.38
CA ALA B 213 -24.81 -12.57 -15.11
C ALA B 213 -25.04 -13.77 -16.01
N LYS B 214 -23.96 -14.41 -16.42
CA LYS B 214 -24.04 -15.53 -17.35
C LYS B 214 -23.28 -16.73 -16.79
N LEU B 215 -23.88 -17.91 -16.93
CA LEU B 215 -23.28 -19.16 -16.48
C LEU B 215 -22.65 -19.85 -17.69
N TRP B 216 -21.35 -20.13 -17.60
CA TRP B 216 -20.60 -20.76 -18.66
C TRP B 216 -20.14 -22.15 -18.23
N ASP B 217 -20.32 -23.12 -19.13
CA ASP B 217 -19.79 -24.46 -18.93
C ASP B 217 -18.37 -24.51 -19.49
N VAL B 218 -17.41 -24.84 -18.61
CA VAL B 218 -16.00 -24.84 -19.01
C VAL B 218 -15.76 -25.87 -20.10
N ARG B 219 -16.29 -27.08 -19.93
CA ARG B 219 -16.07 -28.14 -20.91
C ARG B 219 -16.82 -27.87 -22.20
N GLU B 220 -18.09 -27.48 -22.10
CA GLU B 220 -18.88 -27.23 -23.30
C GLU B 220 -18.47 -25.93 -23.98
N GLY B 221 -18.00 -24.96 -23.23
CA GLY B 221 -17.60 -23.68 -23.79
C GLY B 221 -18.74 -22.87 -24.35
N MET B 222 -19.90 -22.92 -23.72
CA MET B 222 -21.07 -22.17 -24.16
C MET B 222 -21.88 -21.73 -22.95
N CYS B 223 -22.66 -20.66 -23.13
CA CYS B 223 -23.50 -20.15 -22.06
C CYS B 223 -24.61 -21.15 -21.75
N ARG B 224 -24.91 -21.32 -20.46
CA ARG B 224 -25.94 -22.23 -20.00
C ARG B 224 -27.18 -21.51 -19.48
N GLN B 225 -26.99 -20.49 -18.65
CA GLN B 225 -28.10 -19.75 -18.06
C GLN B 225 -27.75 -18.27 -18.00
N THR B 226 -28.79 -17.43 -17.99
CA THR B 226 -28.63 -15.99 -17.92
C THR B 226 -29.54 -15.44 -16.83
N PHE B 227 -28.97 -14.64 -15.94
CA PHE B 227 -29.69 -14.06 -14.81
C PHE B 227 -29.74 -12.54 -14.99
N THR B 228 -30.94 -11.98 -14.96
CA THR B 228 -31.14 -10.55 -15.15
C THR B 228 -31.93 -9.96 -14.00
N GLY B 229 -32.37 -8.72 -14.14
CA GLY B 229 -33.10 -8.04 -13.09
C GLY B 229 -32.24 -7.33 -12.06
N HIS B 230 -30.97 -7.09 -12.37
CA HIS B 230 -30.06 -6.40 -11.47
C HIS B 230 -29.72 -5.06 -12.11
N GLU B 231 -30.14 -3.97 -11.46
CA GLU B 231 -30.38 -2.70 -12.15
C GLU B 231 -29.11 -2.17 -12.83
N SER B 232 -28.02 -2.06 -12.08
CA SER B 232 -26.80 -1.43 -12.59
C SER B 232 -25.77 -2.49 -12.94
N ASP B 233 -24.59 -2.02 -13.35
CA ASP B 233 -23.52 -2.91 -13.78
C ASP B 233 -23.01 -3.72 -12.61
N ILE B 234 -22.90 -5.03 -12.80
CA ILE B 234 -22.45 -5.93 -11.75
C ILE B 234 -20.94 -5.77 -11.55
N ASN B 235 -20.53 -5.49 -10.33
CA ASN B 235 -19.13 -5.26 -10.01
C ASN B 235 -18.44 -6.47 -9.40
N ALA B 236 -19.19 -7.38 -8.78
CA ALA B 236 -18.59 -8.54 -8.16
C ALA B 236 -19.57 -9.71 -8.17
N ILE B 237 -19.01 -10.91 -8.07
CA ILE B 237 -19.80 -12.13 -8.12
C ILE B 237 -19.06 -13.21 -7.32
N CYS B 238 -19.82 -14.11 -6.72
CA CYS B 238 -19.24 -15.22 -5.97
C CYS B 238 -20.25 -16.35 -5.89
N PHE B 239 -19.75 -17.57 -5.75
CA PHE B 239 -20.63 -18.73 -5.58
C PHE B 239 -20.97 -18.98 -4.12
N PHE B 240 -22.20 -19.42 -3.89
CA PHE B 240 -22.56 -20.02 -2.62
C PHE B 240 -21.73 -21.31 -2.44
N PRO B 241 -21.31 -21.62 -1.22
CA PRO B 241 -20.43 -22.79 -1.02
C PRO B 241 -21.03 -24.09 -1.52
N ASN B 242 -22.36 -24.22 -1.51
CA ASN B 242 -22.99 -25.42 -2.04
C ASN B 242 -22.74 -25.55 -3.55
N GLY B 243 -22.56 -24.43 -4.24
CA GLY B 243 -22.31 -24.41 -5.66
C GLY B 243 -23.55 -24.28 -6.51
N ASN B 244 -24.74 -24.34 -5.92
CA ASN B 244 -26.00 -24.21 -6.66
C ASN B 244 -26.58 -22.81 -6.57
N ALA B 245 -25.86 -21.85 -5.99
CA ALA B 245 -26.32 -20.48 -5.88
C ALA B 245 -25.12 -19.55 -5.96
N PHE B 246 -25.39 -18.29 -6.29
CA PHE B 246 -24.32 -17.31 -6.37
C PHE B 246 -24.87 -15.91 -6.11
N ALA B 247 -24.06 -15.10 -5.45
CA ALA B 247 -24.42 -13.73 -5.08
C ALA B 247 -23.65 -12.75 -5.95
N THR B 248 -24.35 -11.73 -6.43
CA THR B 248 -23.79 -10.66 -7.24
C THR B 248 -23.94 -9.33 -6.51
N GLY B 249 -22.99 -8.43 -6.77
CA GLY B 249 -23.04 -7.09 -6.23
C GLY B 249 -22.74 -6.06 -7.30
N SER B 250 -23.57 -5.03 -7.39
CA SER B 250 -23.31 -4.06 -8.42
C SER B 250 -23.21 -2.65 -7.92
N ASP B 251 -23.38 -1.68 -8.80
CA ASP B 251 -23.17 -0.29 -8.41
C ASP B 251 -24.43 0.40 -7.94
N ASP B 252 -25.58 -0.27 -7.96
CA ASP B 252 -26.83 0.32 -7.48
C ASP B 252 -27.11 -0.02 -6.02
N ALA B 253 -26.06 -0.29 -5.23
CA ALA B 253 -26.16 -0.46 -3.79
C ALA B 253 -27.08 -1.61 -3.39
N THR B 254 -27.09 -2.69 -4.17
CA THR B 254 -27.87 -3.87 -3.84
C THR B 254 -27.10 -5.13 -4.20
N CYS B 255 -27.37 -6.20 -3.47
CA CYS B 255 -26.79 -7.52 -3.75
C CYS B 255 -27.92 -8.48 -4.06
N ARG B 256 -27.70 -9.35 -5.03
CA ARG B 256 -28.67 -10.35 -5.43
C ARG B 256 -28.14 -11.74 -5.16
N LEU B 257 -29.04 -12.69 -4.90
CA LEU B 257 -28.68 -14.09 -4.73
C LEU B 257 -29.51 -14.91 -5.70
N PHE B 258 -28.86 -15.44 -6.73
CA PHE B 258 -29.52 -16.24 -7.75
C PHE B 258 -29.27 -17.71 -7.48
N ASP B 259 -30.28 -18.54 -7.74
CA ASP B 259 -30.17 -19.98 -7.60
C ASP B 259 -30.09 -20.61 -8.98
N LEU B 260 -29.11 -21.50 -9.16
CA LEU B 260 -28.89 -22.09 -10.48
C LEU B 260 -30.08 -22.94 -10.92
N ARG B 261 -30.65 -23.73 -10.01
CA ARG B 261 -31.74 -24.61 -10.37
C ARG B 261 -33.03 -23.83 -10.64
N ALA B 262 -33.33 -22.84 -9.81
CA ALA B 262 -34.57 -22.08 -9.99
C ALA B 262 -34.45 -21.09 -11.14
N ASP B 263 -33.22 -20.73 -11.53
CA ASP B 263 -32.98 -19.77 -12.62
C ASP B 263 -33.67 -18.44 -12.35
N GLN B 264 -33.49 -17.93 -11.14
CA GLN B 264 -34.06 -16.65 -10.73
C GLN B 264 -33.33 -16.19 -9.48
N GLU B 265 -33.69 -14.99 -9.01
CA GLU B 265 -33.12 -14.43 -7.80
C GLU B 265 -33.91 -14.89 -6.58
N LEU B 266 -33.19 -15.19 -5.50
CA LEU B 266 -33.84 -15.67 -4.28
C LEU B 266 -34.20 -14.51 -3.36
N MET B 267 -33.22 -13.73 -2.93
CA MET B 267 -33.46 -12.60 -2.06
C MET B 267 -32.62 -11.41 -2.52
N THR B 268 -32.93 -10.25 -1.96
CA THR B 268 -32.24 -9.01 -2.29
C THR B 268 -31.73 -8.36 -1.00
N TYR B 269 -30.43 -8.09 -0.97
CA TYR B 269 -29.78 -7.48 0.19
C TYR B 269 -29.54 -6.01 -0.13
N SER B 270 -30.32 -5.15 0.51
CA SER B 270 -30.22 -3.72 0.31
C SER B 270 -30.83 -2.99 1.50
N HIS B 271 -30.47 -1.72 1.64
CA HIS B 271 -30.99 -0.88 2.71
C HIS B 271 -31.25 0.51 2.16
N ASP B 272 -32.22 1.21 2.76
CA ASP B 272 -32.52 2.57 2.34
C ASP B 272 -31.38 3.53 2.66
N ASN B 273 -30.59 3.22 3.68
CA ASN B 273 -29.44 4.02 4.07
C ASN B 273 -28.30 3.91 3.07
N ILE B 274 -28.10 2.74 2.47
CA ILE B 274 -26.98 2.47 1.57
C ILE B 274 -27.31 3.04 0.21
N ILE B 275 -26.43 3.90 -0.31
CA ILE B 275 -26.62 4.55 -1.60
C ILE B 275 -25.58 4.11 -2.62
N CYS B 276 -24.34 3.92 -2.18
CA CYS B 276 -23.26 3.59 -3.11
C CYS B 276 -23.20 2.07 -3.33
N GLY B 277 -22.64 1.69 -4.48
CA GLY B 277 -22.66 0.31 -4.92
C GLY B 277 -21.63 -0.58 -4.25
N ILE B 278 -21.70 -1.86 -4.58
CA ILE B 278 -20.83 -2.88 -4.01
C ILE B 278 -19.63 -3.07 -4.93
N THR B 279 -18.47 -3.32 -4.32
CA THR B 279 -17.26 -3.58 -5.11
C THR B 279 -16.84 -5.04 -5.03
N SER B 280 -17.17 -5.72 -3.92
CA SER B 280 -16.75 -7.10 -3.74
C SER B 280 -17.79 -7.85 -2.93
N VAL B 281 -18.01 -9.12 -3.28
CA VAL B 281 -18.96 -9.97 -2.59
C VAL B 281 -18.27 -11.29 -2.27
N SER B 282 -18.46 -11.76 -1.04
CA SER B 282 -17.90 -13.03 -0.61
C SER B 282 -18.88 -13.73 0.32
N PHE B 283 -18.72 -15.04 0.43
CA PHE B 283 -19.56 -15.87 1.28
C PHE B 283 -18.74 -16.46 2.41
N SER B 284 -19.43 -16.84 3.47
CA SER B 284 -18.79 -17.55 4.58
C SER B 284 -18.63 -19.02 4.22
N LYS B 285 -17.96 -19.78 5.08
CA LYS B 285 -17.73 -21.20 4.80
C LYS B 285 -19.05 -21.96 4.72
N SER B 286 -19.98 -21.68 5.64
CA SER B 286 -21.27 -22.35 5.63
C SER B 286 -22.31 -21.64 4.79
N GLY B 287 -22.00 -20.45 4.28
CA GLY B 287 -22.94 -19.69 3.49
C GLY B 287 -23.95 -18.88 4.29
N ARG B 288 -23.83 -18.85 5.61
CA ARG B 288 -24.76 -18.09 6.43
C ARG B 288 -24.44 -16.60 6.46
N LEU B 289 -23.22 -16.22 6.08
CA LEU B 289 -22.79 -14.83 6.14
C LEU B 289 -22.37 -14.38 4.75
N LEU B 290 -22.96 -13.29 4.27
CA LEU B 290 -22.57 -12.67 3.02
C LEU B 290 -21.88 -11.34 3.33
N LEU B 291 -20.60 -11.24 2.97
CA LEU B 291 -19.80 -10.05 3.23
C LEU B 291 -19.67 -9.26 1.95
N ALA B 292 -20.14 -8.01 1.97
CA ALA B 292 -20.14 -7.16 0.79
C ALA B 292 -19.39 -5.87 1.10
N GLY B 293 -18.36 -5.59 0.32
CA GLY B 293 -17.67 -4.32 0.44
C GLY B 293 -18.37 -3.22 -0.35
N TYR B 294 -18.40 -2.03 0.24
CA TYR B 294 -19.14 -0.92 -0.33
C TYR B 294 -18.21 0.25 -0.58
N ASP B 295 -18.67 1.17 -1.41
CA ASP B 295 -17.92 2.39 -1.66
C ASP B 295 -17.89 3.31 -0.44
N ASP B 296 -18.79 3.11 0.51
CA ASP B 296 -18.84 3.95 1.72
C ASP B 296 -17.87 3.45 2.79
N PHE B 297 -16.61 3.24 2.38
CA PHE B 297 -15.48 3.13 3.29
C PHE B 297 -15.49 1.89 4.17
N ASN B 298 -16.53 1.06 4.08
CA ASN B 298 -16.58 -0.12 4.95
C ASN B 298 -17.38 -1.26 4.34
N CYS B 299 -17.44 -2.40 5.04
CA CYS B 299 -18.06 -3.62 4.55
C CYS B 299 -19.26 -3.94 5.42
N ASN B 300 -20.28 -4.53 4.80
CA ASN B 300 -21.47 -4.97 5.52
C ASN B 300 -21.59 -6.48 5.49
N VAL B 301 -21.97 -7.03 6.64
CA VAL B 301 -22.18 -8.47 6.79
C VAL B 301 -23.69 -8.71 6.88
N TRP B 302 -24.19 -9.60 6.04
CA TRP B 302 -25.62 -9.88 5.95
C TRP B 302 -25.88 -11.34 6.29
N ASP B 303 -26.99 -11.57 6.98
CA ASP B 303 -27.50 -12.92 7.13
C ASP B 303 -28.07 -13.39 5.79
N ALA B 304 -27.38 -14.33 5.14
CA ALA B 304 -27.70 -14.71 3.77
C ALA B 304 -29.07 -15.34 3.63
N LEU B 305 -29.70 -15.75 4.74
CA LEU B 305 -31.02 -16.38 4.68
C LEU B 305 -32.15 -15.43 5.05
N LYS B 306 -31.85 -14.30 5.68
CA LYS B 306 -32.89 -13.36 6.09
C LYS B 306 -32.68 -11.93 5.58
N ALA B 307 -31.59 -11.66 4.88
CA ALA B 307 -31.27 -10.34 4.35
C ALA B 307 -31.27 -9.27 5.43
N ASP B 308 -30.75 -9.61 6.61
CA ASP B 308 -30.61 -8.67 7.71
C ASP B 308 -29.14 -8.32 7.88
N ARG B 309 -28.85 -7.03 7.87
CA ARG B 309 -27.46 -6.58 8.02
C ARG B 309 -27.01 -6.82 9.45
N ALA B 310 -26.28 -7.91 9.67
CA ALA B 310 -25.82 -8.31 10.98
C ALA B 310 -24.30 -8.17 11.01
N GLY B 311 -23.82 -6.98 11.33
CA GLY B 311 -22.38 -6.77 11.42
C GLY B 311 -21.88 -5.81 10.35
N VAL B 312 -20.99 -4.92 10.77
CA VAL B 312 -20.35 -3.96 9.87
C VAL B 312 -18.86 -3.97 10.16
N LEU B 313 -18.05 -4.05 9.11
CA LEU B 313 -16.59 -4.05 9.23
C LEU B 313 -16.07 -2.69 8.81
N ALA B 314 -15.96 -1.77 9.78
CA ALA B 314 -15.49 -0.43 9.53
C ALA B 314 -14.05 -0.29 10.02
N GLY B 315 -13.32 0.64 9.40
CA GLY B 315 -11.93 0.84 9.74
C GLY B 315 -11.07 1.21 8.55
N HIS B 316 -11.63 1.12 7.35
CA HIS B 316 -10.93 1.53 6.14
C HIS B 316 -11.17 3.00 5.86
N ASP B 317 -10.09 3.70 5.51
CA ASP B 317 -10.16 5.14 5.26
C ASP B 317 -10.51 5.49 3.81
N ASN B 318 -10.73 4.49 2.97
CA ASN B 318 -11.11 4.73 1.58
C ASN B 318 -12.03 3.60 1.13
N ARG B 319 -12.44 3.65 -0.13
CA ARG B 319 -13.41 2.69 -0.66
C ARG B 319 -12.84 1.28 -0.62
N VAL B 320 -13.65 0.35 -0.12
CA VAL B 320 -13.25 -1.05 -0.10
C VAL B 320 -13.28 -1.52 -1.54
N SER B 321 -12.28 -2.28 -1.95
CA SER B 321 -12.19 -2.76 -3.32
C SER B 321 -12.14 -4.28 -3.45
N CYS B 322 -11.70 -5.00 -2.42
CA CYS B 322 -11.58 -6.44 -2.53
C CYS B 322 -11.83 -7.11 -1.19
N LEU B 323 -12.48 -8.27 -1.24
CA LEU B 323 -12.76 -9.09 -0.08
C LEU B 323 -12.28 -10.51 -0.33
N GLY B 324 -12.04 -11.24 0.76
CA GLY B 324 -11.70 -12.64 0.64
C GLY B 324 -11.92 -13.43 1.90
N VAL B 325 -12.60 -14.56 1.80
CA VAL B 325 -12.83 -15.46 2.93
C VAL B 325 -11.97 -16.70 2.72
N THR B 326 -11.23 -17.08 3.75
CA THR B 326 -10.33 -18.23 3.64
C THR B 326 -11.12 -19.52 3.42
N ASP B 327 -10.42 -20.54 2.94
CA ASP B 327 -11.09 -21.83 2.71
C ASP B 327 -11.62 -22.43 4.01
N ASP B 328 -10.85 -22.35 5.09
CA ASP B 328 -11.33 -22.80 6.39
C ASP B 328 -12.27 -21.79 7.04
N GLY B 329 -12.38 -20.58 6.51
CA GLY B 329 -13.36 -19.62 6.95
C GLY B 329 -13.06 -18.95 8.27
N MET B 330 -11.83 -19.04 8.78
CA MET B 330 -11.52 -18.47 10.08
C MET B 330 -11.44 -16.95 10.02
N ALA B 331 -10.92 -16.40 8.92
CA ALA B 331 -10.70 -14.97 8.82
C ALA B 331 -11.22 -14.46 7.48
N VAL B 332 -11.47 -13.15 7.43
CA VAL B 332 -11.85 -12.48 6.20
C VAL B 332 -10.91 -11.28 6.01
N ALA B 333 -10.30 -11.20 4.84
CA ALA B 333 -9.40 -10.10 4.52
C ALA B 333 -10.11 -9.07 3.65
N THR B 334 -9.88 -7.80 3.96
CA THR B 334 -10.48 -6.69 3.24
C THR B 334 -9.38 -5.75 2.79
N GLY B 335 -9.34 -5.46 1.48
CA GLY B 335 -8.41 -4.50 0.93
C GLY B 335 -9.18 -3.33 0.31
N SER B 336 -8.71 -2.13 0.51
CA SER B 336 -9.44 -1.01 -0.02
C SER B 336 -8.49 -0.04 -0.70
N TRP B 337 -8.96 1.16 -0.98
CA TRP B 337 -8.14 2.12 -1.70
C TRP B 337 -7.14 2.93 -0.87
N ASP B 338 -7.08 2.69 0.44
CA ASP B 338 -6.11 3.36 1.31
C ASP B 338 -4.82 2.56 1.39
N SER B 339 -4.64 1.58 0.51
CA SER B 339 -3.43 0.78 0.42
C SER B 339 -3.17 -0.04 1.69
N PHE B 340 -4.22 -0.45 2.38
CA PHE B 340 -4.10 -1.26 3.59
C PHE B 340 -5.04 -2.44 3.52
N LEU B 341 -4.57 -3.61 3.96
CA LEU B 341 -5.42 -4.78 4.13
C LEU B 341 -5.69 -4.97 5.62
N LYS B 342 -6.85 -5.53 5.92
CA LYS B 342 -7.25 -5.80 7.30
C LYS B 342 -7.81 -7.21 7.39
N ILE B 343 -7.33 -7.97 8.38
CA ILE B 343 -7.75 -9.35 8.58
C ILE B 343 -8.73 -9.37 9.76
N TRP B 344 -10.02 -9.36 9.44
CA TRP B 344 -11.05 -9.43 10.46
C TRP B 344 -11.30 -10.87 10.88
N ASN B 345 -11.47 -11.07 12.18
CA ASN B 345 -11.73 -12.39 12.73
C ASN B 345 -12.50 -12.27 14.05
N ASP C 21 -11.65 40.61 44.28
CA ASP C 21 -12.48 40.70 43.09
C ASP C 21 -11.62 40.66 41.83
N VAL C 22 -10.63 41.55 41.76
CA VAL C 22 -9.73 41.58 40.60
C VAL C 22 -8.91 40.30 40.53
N ARG C 23 -8.40 39.84 41.68
CA ARG C 23 -7.62 38.61 41.70
C ARG C 23 -8.46 37.41 41.28
N ALA C 24 -9.71 37.34 41.74
CA ALA C 24 -10.58 36.23 41.36
C ALA C 24 -10.85 36.24 39.87
N SER C 25 -11.12 37.42 39.30
CA SER C 25 -11.38 37.52 37.87
C SER C 25 -10.14 37.13 37.06
N LEU C 26 -8.97 37.58 37.49
CA LEU C 26 -7.73 37.23 36.80
C LEU C 26 -7.49 35.72 36.86
N TYR C 27 -7.72 35.11 38.03
CA TYR C 27 -7.55 33.67 38.16
C TYR C 27 -8.53 32.92 37.27
N SER C 28 -9.77 33.37 37.21
CA SER C 28 -10.77 32.72 36.36
C SER C 28 -10.37 32.82 34.89
N LEU C 29 -9.91 34.00 34.46
CA LEU C 29 -9.49 34.17 33.08
C LEU C 29 -8.30 33.28 32.76
N MET C 30 -7.32 33.22 33.67
CA MET C 30 -6.16 32.37 33.45
C MET C 30 -6.55 30.90 33.38
N VAL C 31 -7.48 30.47 34.25
CA VAL C 31 -7.94 29.08 34.22
C VAL C 31 -8.66 28.78 32.91
N LEU C 32 -9.48 29.71 32.43
CA LEU C 32 -10.16 29.51 31.15
C LEU C 32 -9.15 29.40 30.01
N ILE C 33 -8.11 30.25 30.03
CA ILE C 33 -7.07 30.17 29.00
C ILE C 33 -6.35 28.83 29.05
N ILE C 34 -6.01 28.37 30.26
CA ILE C 34 -5.33 27.08 30.41
C ILE C 34 -6.20 25.96 29.88
N LEU C 35 -7.49 25.97 30.24
CA LEU C 35 -8.40 24.92 29.80
C LEU C 35 -8.53 24.92 28.28
N THR C 36 -8.66 26.10 27.67
CA THR C 36 -8.78 26.18 26.22
C THR C 36 -7.53 25.66 25.54
N THR C 37 -6.35 26.05 26.04
CA THR C 37 -5.07 25.56 25.50
C THR C 37 -5.05 24.07 25.55
N LEU C 38 -5.18 23.54 26.75
CA LEU C 38 -5.04 22.10 26.93
C LEU C 38 -6.04 21.33 26.09
N VAL C 39 -7.29 21.79 26.06
CA VAL C 39 -8.29 21.11 25.24
C VAL C 39 -7.87 21.12 23.78
N GLY C 40 -7.75 22.32 23.19
CA GLY C 40 -7.48 22.38 21.76
C GLY C 40 -6.26 21.60 21.35
N ASN C 41 -5.18 21.69 22.14
CA ASN C 41 -3.99 20.89 21.84
C ASN C 41 -4.28 19.41 21.95
N LEU C 42 -5.08 18.98 22.94
CA LEU C 42 -5.37 17.57 23.09
C LEU C 42 -6.16 17.03 21.90
N ILE C 43 -7.19 17.77 21.47
CA ILE C 43 -7.95 17.34 20.29
C ILE C 43 -7.05 17.29 19.06
N VAL C 44 -6.19 18.28 18.86
CA VAL C 44 -5.32 18.27 17.68
C VAL C 44 -4.38 17.07 17.73
N ILE C 45 -3.73 16.85 18.88
CA ILE C 45 -2.79 15.74 18.99
C ILE C 45 -3.48 14.41 18.75
N VAL C 46 -4.64 14.19 19.38
CA VAL C 46 -5.32 12.91 19.20
C VAL C 46 -5.85 12.77 17.76
N SER C 47 -6.18 13.89 17.10
CA SER C 47 -6.67 13.80 15.74
C SER C 47 -5.57 13.37 14.76
N ILE C 48 -4.40 14.00 14.83
CA ILE C 48 -3.32 13.53 13.96
C ILE C 48 -2.82 12.15 14.37
N SER C 49 -2.76 11.86 15.67
CA SER C 49 -2.22 10.57 16.10
C SER C 49 -3.13 9.42 15.71
N HIS C 50 -4.43 9.53 16.00
CA HIS C 50 -5.35 8.44 15.77
C HIS C 50 -5.62 8.22 14.28
N PHE C 51 -5.92 9.29 13.55
CA PHE C 51 -6.35 9.18 12.17
C PHE C 51 -5.16 8.90 11.25
N LYS C 52 -5.29 7.87 10.42
CA LYS C 52 -4.25 7.51 9.47
C LYS C 52 -4.30 8.32 8.19
N GLN C 53 -5.39 9.04 7.95
CA GLN C 53 -5.49 9.90 6.77
C GLN C 53 -4.83 11.26 6.96
N LEU C 54 -4.46 11.61 8.20
CA LEU C 54 -3.78 12.86 8.49
C LEU C 54 -2.32 12.63 8.88
N HIS C 55 -1.71 11.58 8.36
CA HIS C 55 -0.31 11.27 8.62
C HIS C 55 0.61 11.81 7.55
N THR C 56 0.19 12.83 6.82
CA THR C 56 1.03 13.44 5.80
C THR C 56 2.19 14.17 6.46
N PRO C 57 3.32 14.31 5.76
CA PRO C 57 4.46 15.03 6.33
C PRO C 57 4.13 16.42 6.85
N THR C 58 3.25 17.16 6.17
CA THR C 58 2.92 18.51 6.61
C THR C 58 2.08 18.51 7.89
N ASN C 59 1.47 17.38 8.25
CA ASN C 59 0.62 17.32 9.43
C ASN C 59 1.38 16.93 10.69
N TRP C 60 2.52 16.24 10.55
CA TRP C 60 3.32 15.92 11.72
C TRP C 60 3.91 17.17 12.36
N LEU C 61 4.24 18.18 11.56
CA LEU C 61 4.69 19.45 12.11
C LEU C 61 3.60 20.12 12.94
N ILE C 62 2.35 20.08 12.45
CA ILE C 62 1.24 20.64 13.21
C ILE C 62 1.02 19.85 14.49
N HIS C 63 1.15 18.52 14.41
CA HIS C 63 1.03 17.70 15.62
C HIS C 63 2.10 18.04 16.63
N SER C 64 3.35 18.24 16.17
CA SER C 64 4.43 18.59 17.08
C SER C 64 4.23 19.98 17.67
N MET C 65 3.69 20.92 16.88
CA MET C 65 3.38 22.24 17.41
C MET C 65 2.29 22.15 18.48
N ALA C 66 1.28 21.32 18.26
CA ALA C 66 0.24 21.12 19.25
C ALA C 66 0.82 20.50 20.52
N THR C 67 1.76 19.57 20.37
CA THR C 67 2.43 18.99 21.52
C THR C 67 3.21 20.06 22.28
N VAL C 68 3.92 20.93 21.56
CA VAL C 68 4.66 22.02 22.19
C VAL C 68 3.72 22.92 22.98
N ASP C 69 2.58 23.28 22.39
CA ASP C 69 1.65 24.17 23.06
C ASP C 69 1.03 23.50 24.28
N PHE C 70 0.70 22.21 24.18
CA PHE C 70 0.14 21.48 25.32
C PHE C 70 1.15 21.41 26.46
N LEU C 71 2.41 21.11 26.13
CA LEU C 71 3.45 21.08 27.15
C LEU C 71 3.64 22.45 27.78
N LEU C 72 3.65 23.50 26.97
CA LEU C 72 3.78 24.86 27.50
C LEU C 72 2.66 25.14 28.48
N GLY C 73 1.42 24.89 28.06
CA GLY C 73 0.28 25.06 28.96
C GLY C 73 0.49 24.34 30.28
N CYS C 74 0.61 23.02 30.23
CA CYS C 74 0.62 22.20 31.44
C CYS C 74 1.80 22.56 32.35
N LEU C 75 2.98 22.80 31.76
CA LEU C 75 4.18 22.96 32.55
C LEU C 75 4.48 24.41 32.94
N VAL C 76 3.75 25.39 32.40
CA VAL C 76 4.04 26.79 32.66
C VAL C 76 2.82 27.54 33.18
N MET C 77 1.68 27.46 32.48
CA MET C 77 0.58 28.39 32.70
C MET C 77 0.04 28.40 34.12
N PRO C 78 -0.17 27.26 34.80
CA PRO C 78 -0.64 27.33 36.20
C PRO C 78 0.29 28.12 37.10
N TYR C 79 1.59 27.83 37.01
CA TYR C 79 2.59 28.53 37.80
C TYR C 79 2.72 30.01 37.43
N SER C 80 2.65 30.34 36.13
CA SER C 80 2.68 31.74 35.72
C SER C 80 1.46 32.49 36.27
N MET C 81 0.29 31.86 36.22
CA MET C 81 -0.91 32.46 36.79
C MET C 81 -0.77 32.65 38.30
N VAL C 82 -0.18 31.68 38.98
CA VAL C 82 0.04 31.79 40.42
C VAL C 82 0.96 32.95 40.74
N ARG C 83 2.05 33.08 39.98
CA ARG C 83 3.02 34.15 40.27
C ARG C 83 2.55 35.51 39.78
N SER C 84 1.55 35.54 38.90
CA SER C 84 1.00 36.80 38.42
C SER C 84 -0.20 37.27 39.23
N ALA C 85 -0.93 36.37 39.87
CA ALA C 85 -2.09 36.74 40.67
C ALA C 85 -1.69 36.97 42.13
N GLU C 86 -1.00 36.01 42.71
CA GLU C 86 -0.55 36.13 44.10
C GLU C 86 0.68 37.03 44.17
N HIS C 87 1.28 37.33 43.02
CA HIS C 87 2.46 38.19 42.90
C HIS C 87 3.65 37.65 43.69
N CYS C 88 3.76 36.33 43.82
CA CYS C 88 4.87 35.73 44.55
C CYS C 88 5.09 34.32 44.01
N TRP C 89 6.29 33.80 44.28
CA TRP C 89 6.68 32.46 43.85
C TRP C 89 6.80 31.56 45.07
N TYR C 90 6.15 30.43 45.06
CA TYR C 90 6.17 29.64 46.26
C TYR C 90 7.40 28.82 46.35
N PHE C 91 7.85 28.26 45.26
CA PHE C 91 9.01 27.38 45.28
C PHE C 91 10.29 28.19 45.41
N GLY C 92 11.41 27.48 45.32
CA GLY C 92 12.74 28.07 45.45
C GLY C 92 13.35 28.38 44.11
N GLU C 93 14.68 28.56 44.11
CA GLU C 93 15.38 28.89 42.87
C GLU C 93 15.49 27.69 41.95
N VAL C 94 15.56 26.49 42.52
CA VAL C 94 15.73 25.28 41.71
C VAL C 94 14.54 25.10 40.77
N PHE C 95 13.32 25.27 41.29
CA PHE C 95 12.14 25.15 40.46
C PHE C 95 11.95 26.39 39.58
N CYS C 96 12.37 27.56 40.07
CA CYS C 96 12.23 28.79 39.29
C CYS C 96 13.06 28.74 38.01
N LYS C 97 14.31 28.26 38.12
CA LYS C 97 15.17 28.16 36.94
C LYS C 97 14.57 27.18 35.93
N ILE C 98 14.07 26.05 36.42
CA ILE C 98 13.45 25.05 35.54
C ILE C 98 12.24 25.63 34.84
N HIS C 99 11.40 26.36 35.59
CA HIS C 99 10.18 26.93 34.99
C HIS C 99 10.54 27.97 33.94
N THR C 100 11.50 28.84 34.21
CA THR C 100 11.90 29.85 33.23
C THR C 100 12.48 29.20 31.98
N SER C 101 13.35 28.19 32.16
CA SER C 101 13.92 27.51 31.02
C SER C 101 12.85 26.81 30.20
N THR C 102 11.90 26.16 30.86
CA THR C 102 10.82 25.48 30.15
C THR C 102 9.96 26.47 29.38
N ASP C 103 9.68 27.61 30.00
CA ASP C 103 8.88 28.66 29.37
C ASP C 103 9.54 29.19 28.10
N ILE C 104 10.83 29.48 28.18
CA ILE C 104 11.57 29.99 27.03
C ILE C 104 11.67 28.92 25.95
N MET C 105 12.00 27.70 26.35
CA MET C 105 12.17 26.59 25.41
C MET C 105 10.89 26.32 24.63
N LEU C 106 9.76 26.25 25.33
CA LEU C 106 8.50 25.94 24.66
C LEU C 106 7.97 27.10 23.82
N SER C 107 8.16 28.35 24.27
CA SER C 107 7.79 29.48 23.41
C SER C 107 8.61 29.49 22.13
N SER C 108 9.92 29.31 22.25
CA SER C 108 10.77 29.30 21.07
C SER C 108 10.46 28.12 20.16
N ALA C 109 10.12 26.96 20.76
CA ALA C 109 9.77 25.79 19.97
C ALA C 109 8.49 26.04 19.19
N SER C 110 7.49 26.67 19.82
CA SER C 110 6.27 27.00 19.10
C SER C 110 6.54 27.96 17.95
N ILE C 111 7.37 28.98 18.19
CA ILE C 111 7.68 29.93 17.12
C ILE C 111 8.42 29.26 15.97
N PHE C 112 9.37 28.38 16.30
CA PHE C 112 10.09 27.63 15.28
C PHE C 112 9.14 26.74 14.49
N HIS C 113 8.17 26.12 15.17
CA HIS C 113 7.18 25.31 14.47
C HIS C 113 6.36 26.14 13.51
N LEU C 114 5.97 27.35 13.93
CA LEU C 114 5.26 28.24 13.02
C LEU C 114 6.11 28.56 11.80
N SER C 115 7.39 28.85 12.01
CA SER C 115 8.29 29.17 10.89
C SER C 115 8.42 27.98 9.93
N PHE C 116 8.51 26.77 10.48
CA PHE C 116 8.62 25.60 9.62
C PHE C 116 7.33 25.30 8.88
N ILE C 117 6.17 25.57 9.49
CA ILE C 117 4.91 25.48 8.76
C ILE C 117 4.91 26.47 7.59
N SER C 118 5.42 27.69 7.83
CA SER C 118 5.50 28.67 6.75
C SER C 118 6.39 28.18 5.62
N ILE C 119 7.55 27.61 5.96
CA ILE C 119 8.46 27.10 4.94
C ILE C 119 7.80 25.95 4.16
N ASP C 120 7.09 25.08 4.87
CA ASP C 120 6.39 23.98 4.22
C ASP C 120 5.34 24.49 3.25
N ARG C 121 4.56 25.50 3.65
CA ARG C 121 3.60 26.07 2.71
C ARG C 121 4.30 26.71 1.51
N TYR C 122 5.44 27.36 1.75
CA TYR C 122 6.18 27.96 0.64
C TYR C 122 6.57 26.90 -0.38
N TYR C 123 7.14 25.79 0.08
CA TYR C 123 7.47 24.71 -0.85
C TYR C 123 6.23 24.06 -1.44
N ALA C 124 5.09 24.16 -0.77
CA ALA C 124 3.86 23.57 -1.30
C ALA C 124 3.29 24.38 -2.46
N VAL C 125 3.30 25.71 -2.35
CA VAL C 125 2.62 26.55 -3.33
C VAL C 125 3.57 27.39 -4.17
N CYS C 126 4.88 27.20 -4.03
CA CYS C 126 5.85 27.88 -4.89
C CYS C 126 6.73 26.93 -5.68
N ASP C 127 6.93 25.71 -5.19
CA ASP C 127 7.59 24.64 -5.96
C ASP C 127 6.69 23.43 -5.91
N PRO C 128 5.58 23.45 -6.67
CA PRO C 128 4.52 22.45 -6.47
C PRO C 128 4.87 21.08 -7.04
N LEU C 129 5.66 21.04 -8.10
CA LEU C 129 5.95 19.77 -8.75
C LEU C 129 6.93 18.93 -7.95
N ARG C 130 7.78 19.58 -7.14
CA ARG C 130 8.73 18.89 -6.29
C ARG C 130 8.38 18.98 -4.81
N TYR C 131 7.11 19.22 -4.48
CA TYR C 131 6.72 19.35 -3.08
C TYR C 131 6.88 18.04 -2.33
N LYS C 132 6.31 16.95 -2.87
CA LYS C 132 6.35 15.67 -2.16
C LYS C 132 7.75 15.10 -2.09
N ALA C 133 8.59 15.39 -3.10
CA ALA C 133 9.97 14.92 -3.05
C ALA C 133 10.79 15.71 -2.02
N LYS C 134 10.65 17.03 -2.02
CA LYS C 134 11.45 17.86 -1.11
C LYS C 134 10.95 17.78 0.33
N MET C 135 9.65 17.79 0.54
CA MET C 135 9.06 17.78 1.88
C MET C 135 8.52 16.38 2.15
N ASN C 136 9.38 15.51 2.68
CA ASN C 136 9.01 14.14 3.03
C ASN C 136 9.20 13.95 4.54
N ILE C 137 9.09 12.69 4.98
CA ILE C 137 9.15 12.39 6.41
C ILE C 137 10.52 12.75 6.98
N LEU C 138 11.58 12.53 6.20
CA LEU C 138 12.92 12.83 6.70
C LEU C 138 13.08 14.33 6.97
N VAL C 139 12.62 15.17 6.04
CA VAL C 139 12.79 16.61 6.20
C VAL C 139 11.94 17.14 7.34
N ILE C 140 10.69 16.69 7.44
CA ILE C 140 9.85 17.15 8.53
C ILE C 140 10.40 16.66 9.87
N CYS C 141 10.98 15.46 9.91
CA CYS C 141 11.59 14.98 11.14
C CYS C 141 12.79 15.83 11.53
N VAL C 142 13.59 16.24 10.54
CA VAL C 142 14.69 17.15 10.81
C VAL C 142 14.18 18.48 11.35
N MET C 143 13.09 19.00 10.77
CA MET C 143 12.51 20.26 11.23
C MET C 143 12.03 20.13 12.67
N ILE C 144 11.33 19.03 12.98
CA ILE C 144 10.83 18.82 14.34
C ILE C 144 11.98 18.68 15.33
N PHE C 145 13.03 17.95 14.94
CA PHE C 145 14.18 17.79 15.81
C PHE C 145 14.85 19.13 16.08
N ILE C 146 14.98 19.97 15.05
CA ILE C 146 15.58 21.29 15.24
C ILE C 146 14.70 22.13 16.17
N SER C 147 13.39 22.11 15.94
CA SER C 147 12.47 22.91 16.75
C SER C 147 12.47 22.47 18.21
N TRP C 148 12.73 21.19 18.46
CA TRP C 148 12.73 20.70 19.83
C TRP C 148 14.12 20.82 20.47
N SER C 149 15.17 20.93 19.66
CA SER C 149 16.52 20.87 20.19
C SER C 149 17.13 22.26 20.34
N VAL C 150 17.15 23.05 19.27
CA VAL C 150 17.82 24.35 19.29
C VAL C 150 17.21 25.25 20.36
N PRO C 151 15.89 25.39 20.45
CA PRO C 151 15.33 26.12 21.60
C PRO C 151 15.71 25.51 22.94
N ALA C 152 15.75 24.17 23.05
CA ALA C 152 16.09 23.54 24.31
C ALA C 152 17.51 23.86 24.72
N VAL C 153 18.47 23.65 23.81
CA VAL C 153 19.87 23.93 24.11
C VAL C 153 20.04 25.41 24.43
N PHE C 154 19.44 26.28 23.62
CA PHE C 154 19.57 27.71 23.83
C PHE C 154 19.05 28.13 25.21
N ALA C 155 17.83 27.69 25.55
CA ALA C 155 17.23 28.09 26.81
C ALA C 155 18.02 27.54 27.99
N PHE C 156 18.38 26.26 27.96
CA PHE C 156 19.08 25.67 29.09
C PHE C 156 20.46 26.31 29.27
N GLY C 157 21.20 26.51 28.18
CA GLY C 157 22.52 27.11 28.28
C GLY C 157 22.45 28.56 28.72
N MET C 158 21.42 29.29 28.30
CA MET C 158 21.34 30.70 28.62
C MET C 158 20.87 30.91 30.06
N ILE C 159 20.01 30.03 30.55
CA ILE C 159 19.43 30.24 31.87
C ILE C 159 20.27 29.58 32.96
N PHE C 160 20.63 28.31 32.78
CA PHE C 160 21.35 27.58 33.82
C PHE C 160 22.79 28.04 34.00
N LEU C 161 23.40 28.60 32.97
CA LEU C 161 24.77 29.10 33.04
C LEU C 161 24.83 30.58 33.39
N GLU C 162 23.69 31.19 33.73
CA GLU C 162 23.62 32.61 34.09
C GLU C 162 24.16 33.49 32.98
N LEU C 163 23.90 33.10 31.72
CA LEU C 163 24.33 33.89 30.59
C LEU C 163 23.60 35.22 30.54
N ASN C 164 22.30 35.22 30.80
CA ASN C 164 21.53 36.46 30.78
C ASN C 164 21.91 37.37 31.95
N PHE C 165 22.15 36.77 33.12
CA PHE C 165 22.47 37.55 34.31
C PHE C 165 23.89 38.09 34.30
N LYS C 166 24.73 37.64 33.38
CA LYS C 166 26.12 38.08 33.33
C LYS C 166 26.19 39.57 32.99
N GLY C 167 26.99 40.30 33.77
CA GLY C 167 27.16 41.72 33.57
C GLY C 167 26.07 42.60 34.14
N ALA C 168 25.06 42.02 34.78
CA ALA C 168 23.95 42.78 35.34
C ALA C 168 23.59 42.27 36.73
N GLU C 169 24.60 42.02 37.55
CA GLU C 169 24.36 41.52 38.90
C GLU C 169 23.57 42.52 39.73
N GLU C 170 23.93 43.80 39.64
CA GLU C 170 23.20 44.84 40.37
C GLU C 170 21.77 44.95 39.86
N ILE C 171 21.58 44.90 38.54
CA ILE C 171 20.24 44.96 37.97
C ILE C 171 19.42 43.75 38.39
N TYR C 172 20.03 42.57 38.40
CA TYR C 172 19.34 41.37 38.86
C TYR C 172 18.93 41.48 40.31
N TYR C 173 19.83 41.99 41.16
CA TYR C 173 19.49 42.17 42.57
C TYR C 173 18.36 43.17 42.76
N LYS C 174 18.39 44.27 42.00
CA LYS C 174 17.33 45.26 42.09
C LYS C 174 15.99 44.68 41.64
N HIS C 175 16.00 43.89 40.56
CA HIS C 175 14.76 43.28 40.08
C HIS C 175 14.26 42.21 41.06
N VAL C 176 15.16 41.59 41.81
CA VAL C 176 14.75 40.60 42.80
C VAL C 176 13.89 41.25 43.88
N HIS C 177 14.27 42.45 44.32
CA HIS C 177 13.49 43.15 45.32
C HIS C 177 12.16 43.61 44.76
N CYS C 178 12.17 44.21 43.56
CA CYS C 178 10.93 44.67 42.96
C CYS C 178 10.01 43.50 42.61
N ARG C 179 10.57 42.41 42.07
CA ARG C 179 9.81 41.22 41.73
C ARG C 179 10.26 40.11 42.68
N GLY C 180 9.48 39.92 43.75
CA GLY C 180 9.86 38.95 44.76
C GLY C 180 9.93 37.53 44.22
N GLY C 181 9.21 37.23 43.14
CA GLY C 181 9.23 35.89 42.58
C GLY C 181 10.31 35.65 41.53
N CYS C 182 9.88 35.19 40.36
CA CYS C 182 10.77 34.93 39.24
C CYS C 182 10.46 35.84 38.11
N SER C 183 11.48 36.38 37.48
CA SER C 183 11.32 37.24 36.33
C SER C 183 12.21 36.70 35.24
N VAL C 184 11.90 37.01 34.00
CA VAL C 184 12.76 36.57 32.93
C VAL C 184 13.67 37.76 32.67
N PHE C 185 14.63 38.02 33.54
CA PHE C 185 15.44 39.19 33.31
C PHE C 185 16.35 38.96 32.15
N PHE C 186 16.61 39.96 31.31
CA PHE C 186 17.55 39.81 30.21
C PHE C 186 18.50 40.96 30.20
N SER C 187 19.74 40.78 29.78
CA SER C 187 20.74 41.84 29.76
C SER C 187 20.67 42.59 28.42
N LYS C 188 21.62 43.49 28.19
CA LYS C 188 21.59 44.31 26.99
C LYS C 188 21.93 43.51 25.73
N ILE C 189 22.94 42.65 25.80
CA ILE C 189 23.36 41.89 24.63
C ILE C 189 22.60 40.58 24.51
N SER C 190 22.39 39.90 25.64
CA SER C 190 21.67 38.64 25.63
C SER C 190 20.22 38.83 25.19
N GLY C 191 19.61 39.95 25.60
CA GLY C 191 18.25 40.22 25.17
C GLY C 191 18.14 40.39 23.66
N VAL C 192 19.06 41.14 23.07
CA VAL C 192 19.07 41.30 21.62
C VAL C 192 19.32 39.96 20.92
N LEU C 193 20.26 39.17 21.46
CA LEU C 193 20.57 37.89 20.84
C LEU C 193 19.37 36.96 20.86
N THR C 194 18.67 36.88 21.99
CA THR C 194 17.51 35.99 22.07
C THR C 194 16.33 36.53 21.26
N PHE C 195 16.19 37.86 21.18
CA PHE C 195 15.15 38.43 20.33
C PHE C 195 15.38 38.04 18.88
N MET C 196 16.63 38.15 18.42
CA MET C 196 16.95 37.72 17.06
C MET C 196 16.69 36.22 16.90
N THR C 197 17.17 35.41 17.83
CA THR C 197 17.10 33.96 17.67
C THR C 197 15.65 33.47 17.65
N SER C 198 14.80 34.02 18.50
CA SER C 198 13.47 33.46 18.71
C SER C 198 12.35 34.25 18.03
N PHE C 199 12.59 35.47 17.55
CA PHE C 199 11.49 36.21 16.97
C PHE C 199 11.85 36.87 15.64
N TYR C 200 13.13 37.14 15.40
CA TYR C 200 13.51 37.86 14.17
C TYR C 200 13.61 36.90 12.99
N ILE C 201 14.56 35.95 13.04
CA ILE C 201 14.73 35.02 11.93
C ILE C 201 13.48 34.18 11.69
N PRO C 202 12.88 33.53 12.69
CA PRO C 202 11.58 32.89 12.41
C PRO C 202 10.52 33.87 11.96
N GLY C 203 10.47 35.05 12.59
CA GLY C 203 9.47 36.05 12.20
C GLY C 203 9.71 36.59 10.80
N SER C 204 10.96 36.91 10.47
CA SER C 204 11.26 37.42 9.14
C SER C 204 11.01 36.36 8.08
N ILE C 205 11.37 35.11 8.37
CA ILE C 205 11.11 34.02 7.44
C ILE C 205 9.60 33.88 7.19
N MET C 206 8.82 33.88 8.28
CA MET C 206 7.37 33.78 8.13
C MET C 206 6.82 34.94 7.31
N LEU C 207 7.27 36.17 7.61
CA LEU C 207 6.72 37.34 6.94
C LEU C 207 7.06 37.34 5.46
N CYS C 208 8.31 37.07 5.10
CA CYS C 208 8.69 37.08 3.69
C CYS C 208 8.04 35.94 2.93
N VAL C 209 8.03 34.74 3.52
CA VAL C 209 7.37 33.60 2.88
C VAL C 209 5.91 33.90 2.64
N TYR C 210 5.21 34.41 3.65
CA TYR C 210 3.78 34.67 3.50
C TYR C 210 3.51 35.82 2.55
N TYR C 211 4.40 36.81 2.46
CA TYR C 211 4.22 37.85 1.45
C TYR C 211 4.34 37.27 0.05
N ARG C 212 5.35 36.42 -0.17
CA ARG C 212 5.49 35.77 -1.48
C ARG C 212 4.26 34.91 -1.80
N ILE C 213 3.78 34.17 -0.82
CA ILE C 213 2.62 33.30 -1.06
C ILE C 213 1.37 34.14 -1.31
N TYR C 214 1.24 35.27 -0.63
CA TYR C 214 0.12 36.18 -0.89
C TYR C 214 0.18 36.71 -2.31
N LEU C 215 1.37 37.10 -2.78
CA LEU C 215 1.51 37.57 -4.15
C LEU C 215 1.11 36.48 -5.14
N ILE C 216 1.58 35.26 -4.91
CA ILE C 216 1.27 34.15 -5.80
C ILE C 216 -0.23 33.88 -5.83
N ALA C 217 -0.85 33.84 -4.64
CA ALA C 217 -2.28 33.56 -4.56
C ALA C 217 -3.11 34.67 -5.21
N LYS C 218 -2.70 35.93 -5.01
CA LYS C 218 -3.42 37.03 -5.65
C LYS C 218 -3.30 36.96 -7.16
N GLU C 219 -2.11 36.65 -7.67
CA GLU C 219 -1.95 36.52 -9.12
C GLU C 219 -2.80 35.38 -9.67
N GLN C 220 -2.82 34.24 -8.97
CA GLN C 220 -3.63 33.12 -9.42
C GLN C 220 -5.11 33.45 -9.40
N ALA C 221 -5.57 34.15 -8.34
CA ALA C 221 -6.97 34.53 -8.27
C ALA C 221 -7.34 35.50 -9.39
N ARG C 222 -6.46 36.46 -9.68
CA ARG C 222 -6.71 37.38 -10.78
C ARG C 222 -6.78 36.65 -12.11
N LEU C 223 -5.85 35.70 -12.34
CA LEU C 223 -5.87 34.94 -13.58
C LEU C 223 -7.14 34.11 -13.71
N ILE C 224 -7.59 33.49 -12.61
CA ILE C 224 -8.81 32.70 -12.65
C ILE C 224 -10.02 33.59 -12.90
N SER C 225 -10.09 34.75 -12.25
CA SER C 225 -11.21 35.66 -12.44
C SER C 225 -11.25 36.18 -13.87
N ASP C 226 -10.09 36.46 -14.45
CA ASP C 226 -10.06 36.92 -15.84
C ASP C 226 -10.59 35.85 -16.79
N ALA C 227 -10.23 34.60 -16.55
CA ALA C 227 -10.69 33.50 -17.39
C ALA C 227 -11.63 32.58 -16.62
N ARG C 247 -10.87 38.41 -0.52
CA ARG C 247 -10.30 37.17 -1.05
C ARG C 247 -9.94 36.22 0.08
N LYS C 248 -9.95 34.91 -0.22
CA LYS C 248 -9.63 33.91 0.78
C LYS C 248 -8.20 34.05 1.27
N ALA C 249 -7.27 34.30 0.35
CA ALA C 249 -5.87 34.43 0.74
C ALA C 249 -5.65 35.60 1.68
N VAL C 250 -6.29 36.73 1.41
CA VAL C 250 -6.13 37.91 2.25
C VAL C 250 -6.59 37.60 3.68
N LYS C 251 -7.78 37.03 3.81
CA LYS C 251 -8.32 36.73 5.14
C LYS C 251 -7.46 35.71 5.86
N THR C 252 -7.06 34.65 5.17
CA THR C 252 -6.29 33.59 5.81
C THR C 252 -4.93 34.10 6.29
N LEU C 253 -4.19 34.75 5.41
CA LEU C 253 -2.86 35.22 5.77
C LEU C 253 -2.92 36.36 6.77
N GLY C 254 -3.93 37.23 6.68
CA GLY C 254 -4.10 38.25 7.70
C GLY C 254 -4.37 37.66 9.06
N ILE C 255 -5.22 36.63 9.12
CA ILE C 255 -5.50 35.98 10.40
C ILE C 255 -4.23 35.36 10.97
N VAL C 256 -3.48 34.63 10.13
CA VAL C 256 -2.27 33.96 10.60
C VAL C 256 -1.25 34.98 11.11
N MET C 257 -0.97 36.00 10.29
CA MET C 257 0.04 36.98 10.67
C MET C 257 -0.39 37.80 11.87
N GLY C 258 -1.68 38.16 11.95
CA GLY C 258 -2.15 38.90 13.11
C GLY C 258 -2.05 38.10 14.39
N VAL C 259 -2.44 36.82 14.33
CA VAL C 259 -2.33 35.96 15.51
C VAL C 259 -0.88 35.84 15.94
N PHE C 260 0.03 35.73 14.97
CA PHE C 260 1.45 35.60 15.33
C PHE C 260 2.02 36.91 15.86
N LEU C 261 1.50 38.04 15.39
CA LEU C 261 2.12 39.31 15.71
C LEU C 261 1.55 39.96 16.97
N ILE C 262 0.23 40.15 17.05
CA ILE C 262 -0.34 40.92 18.15
C ILE C 262 0.02 40.30 19.49
N CYS C 263 0.37 39.01 19.49
CA CYS C 263 0.79 38.32 20.70
C CYS C 263 2.27 38.53 21.00
N TRP C 264 3.13 38.16 20.06
CA TRP C 264 4.56 38.07 20.36
C TRP C 264 5.25 39.41 20.18
N CYS C 265 4.92 40.15 19.11
CA CYS C 265 5.65 41.37 18.79
C CYS C 265 5.65 42.38 19.93
N PRO C 266 4.54 42.66 20.63
CA PRO C 266 4.65 43.53 21.82
C PRO C 266 5.59 42.96 22.87
N PHE C 267 5.45 41.67 23.20
CA PHE C 267 6.28 41.08 24.25
C PHE C 267 7.74 41.09 23.88
N PHE C 268 8.08 40.63 22.67
CA PHE C 268 9.47 40.61 22.25
C PHE C 268 10.06 42.00 22.04
N ILE C 269 9.27 42.95 21.54
CA ILE C 269 9.74 44.32 21.42
C ILE C 269 10.06 44.93 22.78
N CYS C 270 9.17 44.72 23.76
CA CYS C 270 9.43 45.22 25.10
C CYS C 270 10.64 44.53 25.73
N THR C 271 10.78 43.22 25.49
CA THR C 271 11.93 42.49 26.04
C THR C 271 13.23 43.00 25.43
N VAL C 272 13.23 43.29 24.13
CA VAL C 272 14.44 43.76 23.47
C VAL C 272 14.78 45.18 23.92
N MET C 273 13.79 46.07 23.97
CA MET C 273 14.05 47.47 24.26
C MET C 273 14.22 47.76 25.75
N ASP C 274 13.72 46.89 26.62
CA ASP C 274 13.76 47.18 28.05
C ASP C 274 15.16 47.32 28.62
N PRO C 275 16.13 46.45 28.32
CA PRO C 275 17.50 46.69 28.83
C PRO C 275 18.10 47.99 28.33
N PHE C 276 17.78 48.41 27.11
CA PHE C 276 18.25 49.67 26.56
C PHE C 276 17.42 50.87 26.99
N LEU C 277 16.29 50.64 27.66
CA LEU C 277 15.41 51.69 28.12
C LEU C 277 15.59 51.95 29.62
N HIS C 278 16.62 51.33 30.20
CA HIS C 278 17.00 51.51 31.61
C HIS C 278 15.94 50.97 32.56
N TYR C 279 15.23 49.93 32.12
CA TYR C 279 14.38 49.12 32.98
C TYR C 279 13.27 49.95 33.61
N ILE C 280 12.47 50.60 32.76
CA ILE C 280 11.36 51.40 33.27
C ILE C 280 10.02 50.75 32.95
N ILE C 281 10.04 49.50 32.48
CA ILE C 281 8.81 48.80 32.10
C ILE C 281 8.02 48.44 33.36
N PRO C 282 6.74 48.81 33.44
CA PRO C 282 5.93 48.45 34.61
C PRO C 282 5.74 46.95 34.70
N PRO C 283 5.60 46.42 35.92
CA PRO C 283 5.44 44.95 36.08
C PRO C 283 4.18 44.42 35.43
N THR C 284 3.10 45.22 35.40
CA THR C 284 1.85 44.76 34.81
C THR C 284 1.99 44.50 33.31
N LEU C 285 2.73 45.36 32.61
CA LEU C 285 2.96 45.15 31.19
C LEU C 285 3.73 43.85 30.96
N ASN C 286 4.63 43.51 31.86
CA ASN C 286 5.32 42.27 31.66
C ASN C 286 4.47 41.06 31.96
N ASP C 287 3.66 41.06 32.99
CA ASP C 287 2.78 39.92 33.26
C ASP C 287 1.74 39.85 32.18
N VAL C 288 1.21 41.00 31.81
CA VAL C 288 0.27 41.01 30.71
C VAL C 288 0.99 40.49 29.48
N LEU C 289 2.18 40.99 29.18
CA LEU C 289 2.82 40.51 28.01
C LEU C 289 3.08 39.08 28.04
N ILE C 290 3.42 38.53 29.21
CA ILE C 290 3.67 37.11 29.33
C ILE C 290 2.38 36.38 28.97
N TRP C 291 1.26 37.06 29.11
CA TRP C 291 -0.01 36.45 28.78
C TRP C 291 -0.33 36.56 27.34
N PHE C 292 0.29 37.46 26.60
CA PHE C 292 0.05 37.44 25.22
C PHE C 292 0.56 36.17 24.59
N GLY C 293 1.79 35.75 24.88
CA GLY C 293 2.31 34.49 24.39
C GLY C 293 1.45 33.24 24.60
N TYR C 294 0.94 33.03 25.81
CA TYR C 294 0.09 31.91 26.09
C TYR C 294 -1.17 31.97 25.28
N LEU C 295 -1.75 33.14 25.10
CA LEU C 295 -2.90 33.28 24.21
C LEU C 295 -2.57 32.81 22.80
N ASN C 296 -1.36 33.10 22.32
CA ASN C 296 -0.94 32.60 21.02
C ASN C 296 -0.88 31.08 21.01
N SER C 297 -0.37 30.49 22.09
CA SER C 297 -0.34 29.03 22.18
C SER C 297 -1.76 28.46 22.18
N THR C 298 -2.69 29.18 22.79
CA THR C 298 -4.10 28.80 22.73
C THR C 298 -4.62 28.86 21.30
N PHE C 299 -4.28 29.94 20.57
CA PHE C 299 -4.85 30.19 19.25
C PHE C 299 -4.24 29.29 18.18
N ASN C 300 -3.00 28.82 18.40
CA ASN C 300 -2.25 28.09 17.38
C ASN C 300 -3.00 26.88 16.84
N PRO C 301 -3.55 25.99 17.69
CA PRO C 301 -4.37 24.90 17.12
C PRO C 301 -5.59 25.39 16.37
N MET C 302 -6.21 26.48 16.84
CA MET C 302 -7.44 26.97 16.20
C MET C 302 -7.14 27.56 14.83
N VAL C 303 -5.94 28.11 14.64
CA VAL C 303 -5.64 28.82 13.40
C VAL C 303 -4.88 27.93 12.42
N TYR C 304 -4.19 26.92 12.94
CA TYR C 304 -3.43 26.02 12.06
C TYR C 304 -4.12 24.68 11.82
N ALA C 305 -5.14 24.33 12.60
CA ALA C 305 -5.85 23.07 12.37
C ALA C 305 -7.36 23.22 12.36
N PHE C 306 -7.93 24.16 13.10
CA PHE C 306 -9.37 24.33 13.12
C PHE C 306 -9.87 25.29 12.06
N PHE C 307 -8.98 26.07 11.44
CA PHE C 307 -9.39 26.96 10.36
C PHE C 307 -9.49 26.24 9.03
N TYR C 308 -8.94 25.02 8.93
CA TYR C 308 -8.91 24.29 7.67
C TYR C 308 -10.02 23.25 7.61
N PRO C 309 -10.90 23.35 6.62
CA PRO C 309 -12.06 22.44 6.55
C PRO C 309 -11.71 20.97 6.49
N TRP C 310 -10.57 20.58 5.93
CA TRP C 310 -10.25 19.15 5.86
C TRP C 310 -10.09 18.57 7.26
N PHE C 311 -9.39 19.29 8.14
CA PHE C 311 -9.26 18.86 9.53
C PHE C 311 -10.61 18.84 10.23
N ARG C 312 -11.45 19.86 9.98
CA ARG C 312 -12.76 19.90 10.61
C ARG C 312 -13.61 18.71 10.21
N LYS C 313 -13.59 18.36 8.91
CA LYS C 313 -14.31 17.17 8.45
C LYS C 313 -13.73 15.90 9.05
N ALA C 314 -12.40 15.81 9.11
CA ALA C 314 -11.77 14.64 9.71
C ALA C 314 -12.12 14.51 11.18
N LEU C 315 -12.08 15.62 11.92
CA LEU C 315 -12.40 15.62 13.35
C LEU C 315 -13.90 15.53 13.57
N VAL D 39 20.88 -24.57 -11.42
CA VAL D 39 21.68 -23.69 -10.57
C VAL D 39 23.03 -24.35 -10.29
N GLN D 40 24.05 -23.52 -10.04
CA GLN D 40 25.39 -24.00 -9.75
C GLN D 40 26.03 -23.12 -8.68
N LEU D 41 26.72 -23.78 -7.74
CA LEU D 41 27.57 -23.10 -6.76
C LEU D 41 28.92 -23.79 -6.75
N VAL D 42 29.92 -23.17 -7.37
CA VAL D 42 31.23 -23.78 -7.50
C VAL D 42 32.21 -23.04 -6.60
N GLU D 43 32.97 -23.80 -5.81
CA GLU D 43 33.89 -23.26 -4.83
C GLU D 43 35.33 -23.34 -5.33
N SER D 44 36.15 -22.43 -4.83
CA SER D 44 37.56 -22.36 -5.15
C SER D 44 38.34 -22.04 -3.88
N GLY D 45 39.57 -22.56 -3.82
CA GLY D 45 40.42 -22.36 -2.67
C GLY D 45 40.84 -23.66 -2.01
N GLY D 46 41.40 -23.57 -0.81
CA GLY D 46 41.83 -24.74 -0.09
C GLY D 46 43.20 -25.23 -0.51
N GLY D 47 43.62 -26.32 0.13
CA GLY D 47 44.92 -26.90 -0.14
C GLY D 47 45.66 -27.27 1.13
N LEU D 48 46.99 -27.26 1.08
CA LEU D 48 47.84 -27.58 2.22
C LEU D 48 48.39 -26.30 2.82
N VAL D 49 48.17 -26.10 4.11
CA VAL D 49 48.61 -24.90 4.82
C VAL D 49 49.28 -25.31 6.12
N GLN D 50 50.30 -24.55 6.52
CA GLN D 50 50.90 -24.73 7.82
C GLN D 50 49.92 -24.25 8.90
N PRO D 51 50.01 -24.83 10.10
CA PRO D 51 49.11 -24.40 11.18
C PRO D 51 49.30 -22.93 11.52
N GLY D 52 48.19 -22.28 11.91
CA GLY D 52 48.21 -20.89 12.27
C GLY D 52 48.02 -19.91 11.13
N GLY D 53 47.88 -20.39 9.90
CA GLY D 53 47.70 -19.52 8.76
C GLY D 53 46.26 -19.05 8.59
N ARG D 55 43.53 -19.17 4.75
CA ARG D 55 43.17 -18.87 3.36
C ARG D 55 41.76 -18.33 3.24
N LYS D 56 41.41 -17.91 2.04
CA LYS D 56 40.05 -17.48 1.72
C LYS D 56 39.43 -18.44 0.73
N LEU D 57 38.25 -18.94 1.05
CA LEU D 57 37.47 -19.81 0.17
C LEU D 57 36.42 -18.97 -0.53
N SER D 58 36.26 -19.18 -1.83
CA SER D 58 35.29 -18.46 -2.62
C SER D 58 34.22 -19.42 -3.11
N CYS D 59 32.99 -18.93 -3.20
CA CYS D 59 31.85 -19.69 -3.70
C CYS D 59 31.14 -18.82 -4.72
N SER D 60 31.31 -19.13 -6.00
CA SER D 60 30.69 -18.37 -7.06
C SER D 60 29.42 -19.08 -7.52
N ALA D 61 28.34 -18.32 -7.60
CA ALA D 61 27.02 -18.83 -7.96
C ALA D 61 26.69 -18.46 -9.40
N SER D 62 25.96 -19.36 -10.05
CA SER D 62 25.56 -19.14 -11.44
C SER D 62 24.29 -19.95 -11.69
N GLY D 63 23.16 -19.28 -11.83
CA GLY D 63 21.93 -19.96 -12.14
C GLY D 63 20.77 -19.61 -11.21
N PHE D 64 20.98 -18.69 -10.28
CA PHE D 64 19.92 -18.28 -9.37
C PHE D 64 20.24 -16.90 -8.83
N ALA D 65 19.22 -16.27 -8.23
CA ALA D 65 19.35 -14.93 -7.65
C ALA D 65 20.11 -15.05 -6.34
N PHE D 66 21.42 -14.87 -6.40
CA PHE D 66 22.27 -15.04 -5.23
C PHE D 66 21.90 -14.07 -4.12
N SER D 67 21.45 -12.87 -4.46
CA SER D 67 21.16 -11.87 -3.44
C SER D 67 19.93 -12.22 -2.62
N SER D 68 19.03 -13.03 -3.16
CA SER D 68 17.80 -13.39 -2.48
C SER D 68 17.94 -14.62 -1.59
N PHE D 69 19.10 -15.28 -1.60
CA PHE D 69 19.31 -16.51 -0.86
C PHE D 69 20.34 -16.28 0.23
N GLY D 70 20.03 -16.72 1.45
CA GLY D 70 21.06 -16.84 2.47
C GLY D 70 22.05 -17.93 2.13
N MET D 71 23.24 -17.82 2.72
CA MET D 71 24.33 -18.73 2.41
C MET D 71 24.87 -19.35 3.69
N HIS D 72 25.33 -20.60 3.57
CA HIS D 72 25.93 -21.33 4.68
C HIS D 72 27.26 -21.91 4.24
N TRP D 73 28.19 -21.99 5.19
CA TRP D 73 29.40 -22.79 5.05
C TRP D 73 29.29 -23.95 6.02
N VAL D 74 29.44 -25.17 5.51
CA VAL D 74 29.27 -26.39 6.29
C VAL D 74 30.50 -27.27 6.12
N ARG D 75 31.06 -27.74 7.22
CA ARG D 75 32.24 -28.61 7.19
C ARG D 75 31.83 -30.07 7.16
N GLN D 76 32.76 -30.90 6.70
CA GLN D 76 32.65 -32.35 6.76
C GLN D 76 34.05 -32.94 6.85
N ALA D 77 34.42 -33.39 8.04
CA ALA D 77 35.73 -34.00 8.25
C ALA D 77 35.77 -35.41 7.67
N PRO D 78 36.93 -35.87 7.22
CA PRO D 78 37.04 -37.26 6.75
C PRO D 78 36.69 -38.28 7.82
N GLU D 79 37.01 -37.98 9.08
CA GLU D 79 36.76 -38.89 10.18
C GLU D 79 35.45 -38.59 10.93
N LYS D 80 34.67 -37.63 10.45
CA LYS D 80 33.43 -37.26 11.12
C LYS D 80 32.37 -36.99 10.07
N GLY D 81 31.24 -36.43 10.49
CA GLY D 81 30.14 -36.10 9.61
C GLY D 81 30.11 -34.63 9.24
N LEU D 82 28.92 -34.15 8.91
CA LEU D 82 28.78 -32.75 8.55
C LEU D 82 28.80 -31.86 9.79
N GLU D 83 29.27 -30.62 9.60
CA GLU D 83 29.40 -29.68 10.71
C GLU D 83 29.11 -28.29 10.18
N TRP D 84 28.03 -27.68 10.67
CA TRP D 84 27.70 -26.31 10.31
C TRP D 84 28.79 -25.36 10.81
N VAL D 85 29.20 -24.44 9.94
CA VAL D 85 30.30 -23.53 10.23
C VAL D 85 29.83 -22.08 10.31
N ALA D 86 29.15 -21.59 9.27
CA ALA D 86 28.80 -20.18 9.23
C ALA D 86 27.51 -19.98 8.44
N TYR D 87 26.83 -18.86 8.73
CA TYR D 87 25.62 -18.49 8.00
C TYR D 87 25.57 -16.98 7.85
N ILE D 88 25.26 -16.53 6.63
CA ILE D 88 25.07 -15.12 6.32
C ILE D 88 23.73 -14.95 5.64
N SER D 89 22.96 -13.96 6.09
CA SER D 89 21.60 -13.77 5.63
C SER D 89 21.59 -13.23 4.20
N SER D 90 20.38 -13.02 3.67
CA SER D 90 20.25 -12.51 2.30
C SER D 90 20.82 -11.10 2.17
N GLY D 91 20.51 -10.23 3.14
CA GLY D 91 21.01 -8.87 3.16
C GLY D 91 22.16 -8.63 4.10
N SER D 92 22.84 -9.68 4.57
CA SER D 92 23.96 -9.60 5.50
C SER D 92 23.58 -8.95 6.83
N GLY D 93 22.28 -8.83 7.10
CA GLY D 93 21.85 -8.24 8.36
C GLY D 93 22.22 -9.07 9.56
N THR D 94 22.00 -10.38 9.48
CA THR D 94 22.31 -11.30 10.57
C THR D 94 23.34 -12.31 10.10
N ILE D 95 24.39 -12.50 10.89
CA ILE D 95 25.45 -13.46 10.60
C ILE D 95 25.66 -14.31 11.84
N TYR D 96 25.64 -15.63 11.67
CA TYR D 96 25.78 -16.56 12.78
C TYR D 96 26.97 -17.47 12.53
N TYR D 97 27.65 -17.87 13.61
CA TYR D 97 28.93 -18.54 13.50
C TYR D 97 28.89 -19.83 14.33
N ALA D 98 29.80 -20.75 14.00
CA ALA D 98 29.94 -21.95 14.79
C ALA D 98 30.43 -21.61 16.19
N ASP D 99 29.99 -22.40 17.17
CA ASP D 99 30.43 -22.20 18.54
C ASP D 99 31.92 -22.44 18.68
N THR D 100 32.46 -23.43 17.96
CA THR D 100 33.87 -23.75 18.05
C THR D 100 34.74 -22.61 17.52
N VAL D 101 34.41 -22.10 16.34
CA VAL D 101 35.19 -21.03 15.70
C VAL D 101 34.27 -19.83 15.48
N LYS D 102 34.56 -18.73 16.17
CA LYS D 102 33.78 -17.50 16.06
C LYS D 102 34.61 -16.35 15.53
N GLY D 103 35.75 -16.07 16.14
CA GLY D 103 36.63 -15.03 15.65
C GLY D 103 37.69 -15.57 14.72
N ARG D 104 37.82 -16.90 14.67
CA ARG D 104 38.79 -17.52 13.79
C ARG D 104 38.42 -17.39 12.33
N PHE D 105 37.13 -17.45 11.98
CA PHE D 105 36.68 -17.33 10.61
C PHE D 105 35.85 -16.06 10.45
N THR D 106 35.88 -15.50 9.24
CA THR D 106 34.98 -14.40 8.93
C THR D 106 34.30 -14.70 7.59
N ILE D 107 33.08 -14.21 7.45
CA ILE D 107 32.26 -14.49 6.27
C ILE D 107 31.82 -13.18 5.65
N SER D 108 31.65 -13.21 4.32
CA SER D 108 31.24 -12.02 3.59
C SER D 108 30.62 -12.46 2.27
N ARG D 109 29.96 -11.51 1.60
CA ARG D 109 29.37 -11.77 0.30
C ARG D 109 29.37 -10.50 -0.51
N ASP D 110 29.37 -10.65 -1.83
CA ASP D 110 29.12 -9.53 -2.75
C ASP D 110 28.07 -9.97 -3.76
N ASP D 111 26.90 -9.31 -3.70
CA ASP D 111 25.82 -9.62 -4.63
C ASP D 111 26.18 -9.28 -6.08
N PRO D 112 26.74 -8.11 -6.41
CA PRO D 112 27.02 -7.82 -7.82
C PRO D 112 27.94 -8.83 -8.47
N LYS D 113 28.91 -9.37 -7.73
CA LYS D 113 29.72 -10.47 -8.24
C LYS D 113 29.10 -11.84 -7.97
N ASN D 114 28.00 -11.88 -7.23
CA ASN D 114 27.31 -13.13 -6.89
C ASN D 114 28.27 -14.13 -6.25
N THR D 115 29.07 -13.66 -5.29
CA THR D 115 30.13 -14.48 -4.73
C THR D 115 30.07 -14.43 -3.21
N LEU D 116 30.48 -15.53 -2.59
CA LEU D 116 30.56 -15.68 -1.14
C LEU D 116 32.00 -15.96 -0.74
N PHE D 117 32.46 -15.33 0.33
CA PHE D 117 33.83 -15.49 0.80
C PHE D 117 33.85 -15.93 2.25
N LEU D 118 34.73 -16.88 2.55
CA LEU D 118 35.04 -17.29 3.91
C LEU D 118 36.53 -17.14 4.12
N GLN D 119 36.94 -16.15 4.91
CA GLN D 119 38.34 -15.89 5.20
C GLN D 119 38.71 -16.62 6.50
N MET D 120 39.77 -17.42 6.44
CA MET D 120 40.17 -18.26 7.55
C MET D 120 41.38 -17.64 8.24
N THR D 121 41.28 -17.44 9.55
CA THR D 121 42.36 -16.87 10.34
C THR D 121 42.69 -17.81 11.49
N SER D 122 43.99 -18.00 11.74
CA SER D 122 44.49 -18.86 12.81
C SER D 122 43.95 -20.28 12.67
N LEU D 123 44.28 -20.90 11.53
CA LEU D 123 43.83 -22.26 11.26
C LEU D 123 44.49 -23.24 12.22
N ARG D 124 43.69 -24.16 12.75
CA ARG D 124 44.15 -25.17 13.68
C ARG D 124 44.14 -26.55 13.00
N SER D 125 44.51 -27.58 13.77
CA SER D 125 44.50 -28.93 13.23
C SER D 125 43.10 -29.39 12.88
N GLU D 126 42.12 -29.05 13.72
CA GLU D 126 40.74 -29.50 13.51
C GLU D 126 40.10 -28.85 12.28
N ASP D 127 40.64 -27.74 11.80
CA ASP D 127 40.09 -27.04 10.63
C ASP D 127 40.69 -27.60 9.34
N THR D 128 40.52 -28.91 9.15
CA THR D 128 41.05 -29.59 7.98
C THR D 128 39.96 -30.36 7.23
N ALA D 129 38.71 -29.91 7.30
CA ALA D 129 37.59 -30.64 6.74
C ALA D 129 37.24 -30.13 5.35
N MET D 130 36.40 -30.89 4.65
CA MET D 130 35.78 -30.44 3.41
C MET D 130 34.84 -29.30 3.71
N TYR D 131 34.83 -28.28 2.85
CA TYR D 131 33.96 -27.12 3.03
C TYR D 131 32.94 -27.06 1.90
N TYR D 132 31.66 -26.93 2.28
CA TYR D 132 30.56 -26.93 1.35
C TYR D 132 29.82 -25.59 1.46
N CYS D 133 29.51 -25.01 0.31
CA CYS D 133 28.78 -23.75 0.21
C CYS D 133 27.32 -24.08 -0.09
N VAL D 134 26.46 -23.90 0.91
CA VAL D 134 25.09 -24.36 0.85
C VAL D 134 24.16 -23.16 0.65
N ARG D 135 23.34 -23.24 -0.38
CA ARG D 135 22.29 -22.27 -0.63
C ARG D 135 21.15 -22.47 0.37
N SER D 136 20.48 -21.38 0.71
CA SER D 136 19.33 -21.47 1.60
C SER D 136 18.43 -20.27 1.35
N ILE D 137 17.18 -20.39 1.75
CA ILE D 137 16.22 -19.29 1.64
C ILE D 137 15.10 -19.54 2.64
N TYR D 138 14.66 -18.48 3.30
CA TYR D 138 13.70 -18.60 4.41
C TYR D 138 12.51 -17.68 4.16
N TYR D 139 11.43 -18.26 3.66
CA TYR D 139 10.11 -17.66 3.70
C TYR D 139 9.13 -18.77 4.01
N TYR D 140 7.86 -18.42 4.19
CA TYR D 140 6.86 -19.43 4.51
C TYR D 140 6.74 -20.43 3.36
N GLY D 141 6.99 -21.70 3.66
CA GLY D 141 6.94 -22.74 2.66
C GLY D 141 8.22 -22.96 1.89
N SER D 142 9.30 -22.28 2.24
CA SER D 142 10.56 -22.44 1.54
C SER D 142 11.21 -23.78 1.92
N SER D 143 12.27 -24.13 1.19
CA SER D 143 13.01 -25.36 1.41
C SER D 143 14.48 -25.02 1.59
N PRO D 144 14.88 -24.64 2.80
CA PRO D 144 16.28 -24.27 3.03
C PRO D 144 17.21 -25.46 2.85
N PHE D 145 18.49 -25.14 2.60
CA PHE D 145 19.55 -26.13 2.41
C PHE D 145 19.27 -27.03 1.21
N ASP D 146 18.61 -26.49 0.19
CA ASP D 146 18.17 -27.33 -0.93
C ASP D 146 19.33 -27.67 -1.86
N PHE D 147 20.24 -26.74 -2.09
CA PHE D 147 21.33 -26.94 -3.04
C PHE D 147 22.67 -26.80 -2.34
N TRP D 148 23.59 -27.72 -2.63
CA TRP D 148 24.91 -27.75 -2.05
C TRP D 148 25.96 -27.71 -3.14
N GLY D 149 27.06 -26.99 -2.89
CA GLY D 149 28.18 -26.97 -3.80
C GLY D 149 29.02 -28.22 -3.70
N GLN D 150 29.92 -28.39 -4.67
CA GLN D 150 30.75 -29.58 -4.71
C GLN D 150 31.82 -29.56 -3.62
N GLY D 151 32.28 -28.37 -3.23
CA GLY D 151 33.23 -28.24 -2.16
C GLY D 151 34.67 -28.31 -2.62
N THR D 152 35.57 -27.84 -1.76
CA THR D 152 37.00 -27.85 -2.02
C THR D 152 37.74 -28.42 -0.82
N THR D 153 38.74 -29.25 -1.12
CA THR D 153 39.55 -29.87 -0.08
C THR D 153 40.39 -28.82 0.66
N LEU D 154 40.59 -29.07 1.95
CA LEU D 154 41.44 -28.20 2.76
C LEU D 154 42.17 -29.05 3.79
N THR D 155 43.50 -28.98 3.77
CA THR D 155 44.34 -29.74 4.68
C THR D 155 45.30 -28.81 5.40
N VAL D 156 45.52 -29.10 6.69
CA VAL D 156 46.43 -28.30 7.50
C VAL D 156 47.66 -29.12 7.87
N ALA D 174 25.95 -25.13 25.35
CA ALA D 174 24.57 -24.69 25.50
C ALA D 174 23.73 -25.13 24.31
N ASP D 175 24.41 -25.43 23.20
CA ASP D 175 23.74 -25.86 21.99
C ASP D 175 23.15 -27.26 22.17
N ILE D 176 22.13 -27.56 21.35
CA ILE D 176 21.48 -28.86 21.43
C ILE D 176 22.35 -29.90 20.72
N VAL D 177 22.19 -31.15 21.13
CA VAL D 177 22.97 -32.27 20.59
C VAL D 177 22.00 -33.30 20.04
N MET D 178 22.29 -33.81 18.85
CA MET D 178 21.50 -34.84 18.21
C MET D 178 22.39 -36.03 17.90
N THR D 179 21.98 -37.21 18.35
CA THR D 179 22.74 -38.43 18.12
C THR D 179 21.87 -39.44 17.39
N GLN D 180 22.42 -39.99 16.31
CA GLN D 180 21.80 -41.09 15.60
C GLN D 180 22.34 -42.39 16.18
N ALA D 181 21.45 -43.16 16.80
CA ALA D 181 21.88 -44.32 17.58
C ALA D 181 22.60 -45.34 16.71
N THR D 182 22.05 -45.62 15.53
CA THR D 182 22.68 -46.55 14.59
C THR D 182 23.76 -45.85 13.80
N SER D 183 24.85 -46.57 13.52
CA SER D 183 25.93 -46.08 12.68
C SER D 183 25.84 -46.56 11.24
N SER D 184 25.29 -47.74 11.02
CA SER D 184 25.12 -48.29 9.68
C SER D 184 24.09 -49.41 9.73
N VAL D 185 23.11 -49.35 8.84
CA VAL D 185 22.04 -50.33 8.76
C VAL D 185 22.29 -51.25 7.57
N PRO D 186 22.49 -52.54 7.80
CA PRO D 186 22.60 -53.50 6.69
C PRO D 186 21.21 -53.89 6.19
N VAL D 187 20.95 -53.61 4.91
CA VAL D 187 19.66 -53.88 4.29
C VAL D 187 19.90 -54.43 2.89
N THR D 188 18.81 -54.73 2.19
CA THR D 188 18.84 -55.27 0.85
C THR D 188 17.94 -54.45 -0.06
N PRO D 189 18.30 -54.33 -1.34
CA PRO D 189 17.46 -53.56 -2.27
C PRO D 189 16.04 -54.10 -2.35
N GLY D 190 15.08 -53.20 -2.53
CA GLY D 190 13.69 -53.57 -2.60
C GLY D 190 12.98 -53.68 -1.27
N GLU D 191 13.65 -53.37 -0.18
CA GLU D 191 13.07 -53.47 1.16
C GLU D 191 13.03 -52.10 1.83
N SER D 192 12.00 -51.86 2.63
CA SER D 192 11.90 -50.61 3.36
C SER D 192 13.02 -50.49 4.37
N VAL D 193 13.59 -49.29 4.49
CA VAL D 193 14.70 -49.02 5.39
C VAL D 193 14.27 -47.90 6.34
N SER D 194 14.60 -48.06 7.62
CA SER D 194 14.26 -47.08 8.65
C SER D 194 15.53 -46.57 9.30
N ILE D 195 15.64 -45.24 9.41
CA ILE D 195 16.76 -44.58 10.08
C ILE D 195 16.21 -43.70 11.18
N SER D 196 16.72 -43.87 12.39
CA SER D 196 16.21 -43.18 13.57
C SER D 196 17.20 -42.13 14.05
N CYS D 197 16.68 -41.13 14.75
CA CYS D 197 17.48 -40.05 15.30
C CYS D 197 16.77 -39.47 16.52
N ARG D 198 17.53 -38.79 17.36
CA ARG D 198 17.02 -38.21 18.59
C ARG D 198 17.59 -36.82 18.79
N SER D 199 16.88 -36.02 19.58
CA SER D 199 17.30 -34.66 19.90
C SER D 199 17.28 -34.47 21.41
N SER D 200 18.13 -33.57 21.88
CA SER D 200 18.27 -33.29 23.31
C SER D 200 17.04 -32.64 23.92
N LYS D 201 16.17 -32.02 23.12
CA LYS D 201 14.96 -31.41 23.62
C LYS D 201 13.89 -31.45 22.54
N SER D 202 12.67 -31.08 22.92
CA SER D 202 11.54 -31.03 21.99
C SER D 202 11.88 -30.09 20.84
N LEU D 203 11.96 -30.65 19.63
CA LEU D 203 12.39 -29.87 18.47
C LEU D 203 11.22 -29.17 17.78
N LEU D 204 10.00 -29.45 18.22
CA LEU D 204 8.81 -28.80 17.67
C LEU D 204 8.58 -27.47 18.38
N HIS D 205 8.52 -26.38 17.61
CA HIS D 205 8.32 -25.06 18.17
C HIS D 205 6.82 -24.77 18.33
N SER D 206 6.52 -23.59 18.87
CA SER D 206 5.13 -23.21 19.11
C SER D 206 4.36 -23.02 17.80
N ASN D 207 5.06 -22.80 16.68
CA ASN D 207 4.37 -22.63 15.41
C ASN D 207 3.79 -23.93 14.88
N GLY D 208 4.15 -25.06 15.47
CA GLY D 208 3.75 -26.36 14.98
C GLY D 208 4.71 -26.97 13.99
N ASN D 209 5.72 -26.22 13.56
CA ASN D 209 6.73 -26.75 12.66
C ASN D 209 7.89 -27.34 13.45
N THR D 210 8.34 -28.52 13.04
CA THR D 210 9.49 -29.18 13.65
C THR D 210 10.67 -29.00 12.71
N TYR D 211 11.68 -28.26 13.17
CA TYR D 211 12.78 -27.84 12.31
C TYR D 211 13.87 -28.91 12.28
N LEU D 212 13.58 -30.00 11.55
CA LEU D 212 14.56 -31.05 11.32
C LEU D 212 14.68 -31.30 9.83
N TYR D 213 15.92 -31.47 9.37
CA TYR D 213 16.23 -31.64 7.96
C TYR D 213 17.02 -32.94 7.79
N TRP D 214 16.67 -33.70 6.76
CA TRP D 214 17.35 -34.94 6.40
C TRP D 214 18.06 -34.74 5.07
N PHE D 215 19.37 -34.98 5.07
CA PHE D 215 20.21 -34.90 3.87
C PHE D 215 20.78 -36.27 3.56
N LEU D 216 20.97 -36.54 2.27
CA LEU D 216 21.63 -37.74 1.79
C LEU D 216 22.87 -37.33 1.01
N GLN D 217 24.01 -37.89 1.37
CA GLN D 217 25.26 -37.67 0.66
C GLN D 217 25.64 -38.98 -0.01
N ARG D 218 25.48 -39.02 -1.33
CA ARG D 218 25.89 -40.19 -2.09
C ARG D 218 27.41 -40.20 -2.18
N PRO D 219 28.06 -41.37 -2.06
CA PRO D 219 29.52 -41.39 -2.04
C PRO D 219 30.12 -40.80 -3.30
N GLY D 220 31.21 -40.04 -3.12
CA GLY D 220 31.90 -39.41 -4.23
C GLY D 220 31.35 -38.08 -4.68
N GLN D 221 30.36 -37.52 -3.99
CA GLN D 221 29.79 -36.24 -4.38
C GLN D 221 29.20 -35.56 -3.14
N SER D 222 28.64 -34.36 -3.37
CA SER D 222 28.12 -33.48 -2.33
C SER D 222 26.76 -33.96 -1.82
N PRO D 223 26.42 -33.59 -0.58
CA PRO D 223 25.09 -33.92 -0.07
C PRO D 223 23.99 -33.17 -0.81
N GLN D 224 22.80 -33.77 -0.78
CA GLN D 224 21.61 -33.17 -1.37
C GLN D 224 20.43 -33.34 -0.42
N LEU D 225 19.63 -32.28 -0.31
CA LEU D 225 18.52 -32.27 0.63
C LEU D 225 17.49 -33.32 0.26
N LEU D 226 17.03 -34.06 1.25
CA LEU D 226 15.92 -35.01 1.09
C LEU D 226 14.64 -34.50 1.70
N ILE D 227 14.66 -34.18 2.99
CA ILE D 227 13.45 -33.88 3.76
C ILE D 227 13.66 -32.61 4.55
N TYR D 228 12.64 -31.76 4.63
CA TYR D 228 12.65 -30.62 5.54
C TYR D 228 11.36 -30.62 6.33
N ARG D 229 11.48 -30.55 7.66
CA ARG D 229 10.38 -30.52 8.62
C ARG D 229 9.56 -31.80 8.64
N MET D 230 10.13 -32.91 8.16
CA MET D 230 9.62 -34.28 8.24
C MET D 230 8.35 -34.54 7.43
N SER D 231 7.74 -33.51 6.84
CA SER D 231 6.51 -33.69 6.09
C SER D 231 6.59 -33.19 4.67
N ASN D 232 7.77 -32.80 4.20
CA ASN D 232 7.92 -32.14 2.91
C ASN D 232 9.11 -32.75 2.18
N LEU D 233 8.83 -33.37 1.03
CA LEU D 233 9.88 -33.87 0.16
C LEU D 233 10.60 -32.69 -0.50
N ALA D 234 11.81 -32.96 -0.97
CA ALA D 234 12.56 -31.93 -1.68
C ALA D 234 12.03 -31.79 -3.10
N SER D 235 12.75 -31.03 -3.93
CA SER D 235 12.26 -30.72 -5.27
C SER D 235 12.27 -31.96 -6.15
N GLY D 236 13.44 -32.54 -6.40
CA GLY D 236 13.57 -33.63 -7.33
C GLY D 236 13.79 -35.00 -6.73
N VAL D 237 13.62 -35.16 -5.42
CA VAL D 237 13.88 -36.45 -4.77
C VAL D 237 12.77 -37.43 -5.10
N PRO D 238 13.09 -38.72 -5.28
CA PRO D 238 12.05 -39.72 -5.56
C PRO D 238 11.01 -39.77 -4.45
N ASP D 239 9.78 -40.11 -4.86
CA ASP D 239 8.65 -40.18 -3.93
C ASP D 239 8.62 -41.56 -3.26
N ARG D 240 9.72 -41.87 -2.57
CA ARG D 240 9.79 -43.06 -1.74
C ARG D 240 10.40 -42.78 -0.38
N PHE D 241 10.83 -41.55 -0.11
CA PHE D 241 11.36 -41.14 1.18
C PHE D 241 10.24 -40.46 1.97
N SER D 242 10.18 -40.73 3.27
CA SER D 242 9.22 -40.02 4.11
C SER D 242 9.78 -39.91 5.51
N GLY D 243 9.26 -38.95 6.26
CA GLY D 243 9.72 -38.68 7.60
C GLY D 243 8.58 -38.60 8.58
N SER D 244 8.90 -38.86 9.85
CA SER D 244 7.90 -38.81 10.92
C SER D 244 8.63 -38.55 12.24
N GLY D 245 7.86 -38.11 13.23
CA GLY D 245 8.44 -37.82 14.51
C GLY D 245 7.39 -37.29 15.47
N SER D 246 7.83 -37.07 16.71
CA SER D 246 6.96 -36.59 17.77
C SER D 246 7.57 -35.46 18.60
N GLY D 247 8.72 -34.91 18.18
CA GLY D 247 9.39 -33.85 18.90
C GLY D 247 10.79 -34.22 19.37
N THR D 248 10.97 -35.46 19.80
CA THR D 248 12.28 -35.95 20.24
C THR D 248 12.77 -37.13 19.40
N ALA D 249 11.92 -38.12 19.17
CA ALA D 249 12.26 -39.27 18.33
C ALA D 249 11.89 -38.96 16.89
N PHE D 250 12.77 -39.31 15.97
CA PHE D 250 12.62 -38.93 14.57
C PHE D 250 12.98 -40.13 13.71
N THR D 251 12.25 -40.33 12.61
CA THR D 251 12.45 -41.52 11.79
C THR D 251 12.21 -41.19 10.32
N LEU D 252 13.18 -41.53 9.48
CA LEU D 252 13.01 -41.46 8.03
C LEU D 252 12.96 -42.88 7.47
N THR D 253 11.96 -43.14 6.65
CA THR D 253 11.77 -44.46 6.07
C THR D 253 11.70 -44.39 4.55
N ILE D 254 12.24 -45.42 3.90
CA ILE D 254 12.23 -45.57 2.45
C ILE D 254 11.44 -46.82 2.16
N SER D 255 10.34 -46.68 1.42
CA SER D 255 9.49 -47.84 1.10
C SER D 255 10.21 -48.83 0.21
N ARG D 256 10.79 -48.35 -0.89
CA ARG D 256 11.55 -49.17 -1.81
C ARG D 256 13.03 -49.12 -1.43
N LEU D 257 13.89 -49.52 -2.37
CA LEU D 257 15.34 -49.30 -2.21
C LEU D 257 15.98 -49.46 -3.58
N GLU D 258 16.66 -48.41 -4.04
CA GLU D 258 17.31 -48.40 -5.33
C GLU D 258 18.82 -48.36 -5.13
N ALA D 259 19.55 -48.50 -6.24
CA ALA D 259 21.01 -48.47 -6.17
C ALA D 259 21.53 -47.08 -5.84
N GLU D 260 20.85 -46.04 -6.31
CA GLU D 260 21.30 -44.67 -6.06
C GLU D 260 21.04 -44.21 -4.64
N ASP D 261 20.21 -44.94 -3.88
CA ASP D 261 19.90 -44.55 -2.51
C ASP D 261 21.05 -44.81 -1.55
N VAL D 262 22.10 -45.51 -1.98
CA VAL D 262 23.25 -45.76 -1.12
C VAL D 262 23.95 -44.45 -0.80
N GLY D 263 24.48 -44.34 0.41
CA GLY D 263 25.19 -43.14 0.81
C GLY D 263 25.24 -43.03 2.32
N VAL D 264 25.29 -41.77 2.78
CA VAL D 264 25.30 -41.44 4.20
C VAL D 264 24.14 -40.50 4.48
N TYR D 265 23.36 -40.81 5.52
CA TYR D 265 22.19 -40.04 5.88
C TYR D 265 22.49 -39.19 7.11
N TYR D 266 22.21 -37.90 7.00
CA TYR D 266 22.48 -36.95 8.07
C TYR D 266 21.20 -36.22 8.45
N CYS D 267 21.08 -35.92 9.75
CA CYS D 267 19.96 -35.17 10.28
C CYS D 267 20.48 -33.92 10.98
N MET D 268 19.81 -32.80 10.74
CA MET D 268 20.21 -31.52 11.31
C MET D 268 19.00 -30.84 11.92
N GLN D 269 19.23 -30.09 13.01
CA GLN D 269 18.21 -29.28 13.64
C GLN D 269 18.44 -27.82 13.28
N HIS D 270 17.39 -27.15 12.83
CA HIS D 270 17.46 -25.73 12.49
C HIS D 270 16.61 -24.90 13.45
N LEU D 271 16.32 -25.46 14.63
CA LEU D 271 15.56 -24.70 15.63
C LEU D 271 16.43 -23.56 16.10
N GLU D 272 17.72 -23.83 16.27
CA GLU D 272 18.65 -22.78 16.68
C GLU D 272 19.80 -22.77 15.68
N TYR D 273 20.35 -21.59 15.41
CA TYR D 273 21.40 -21.51 14.39
C TYR D 273 22.70 -22.27 14.63
N PRO D 274 23.24 -22.28 15.88
CA PRO D 274 24.39 -23.16 16.11
C PRO D 274 23.76 -24.45 15.68
N LEU D 275 24.22 -25.04 14.59
CA LEU D 275 23.45 -26.17 14.07
C LEU D 275 24.02 -27.49 14.44
N THR D 276 23.19 -28.31 15.07
CA THR D 276 23.64 -29.60 15.49
C THR D 276 23.32 -30.63 14.45
N PHE D 277 24.28 -30.96 13.60
CA PHE D 277 24.03 -32.07 12.69
C PHE D 277 23.99 -33.38 13.46
N GLY D 278 23.87 -34.48 12.72
CA GLY D 278 23.85 -35.80 13.31
C GLY D 278 25.09 -36.59 12.92
N ALA D 279 25.23 -37.75 13.55
CA ALA D 279 26.36 -38.62 13.23
C ALA D 279 26.30 -39.13 11.81
N GLY D 280 25.11 -39.47 11.32
CA GLY D 280 24.96 -39.98 9.98
C GLY D 280 25.08 -41.49 9.90
N THR D 281 24.14 -42.14 9.22
CA THR D 281 24.13 -43.59 9.08
C THR D 281 24.57 -43.93 7.65
N LYS D 282 25.51 -44.87 7.53
CA LYS D 282 25.93 -45.32 6.21
C LYS D 282 25.04 -46.47 5.75
N LEU D 283 24.31 -46.23 4.66
CA LEU D 283 23.34 -47.18 4.13
C LEU D 283 24.10 -48.17 3.25
N GLU D 284 24.74 -49.15 3.90
CA GLU D 284 25.51 -50.16 3.18
C GLU D 284 24.57 -51.03 2.35
N LEU D 285 25.03 -51.43 1.17
CA LEU D 285 24.24 -52.26 0.28
C LEU D 285 24.14 -53.68 0.84
N LEU E 15 -27.91 -15.76 -31.46
CA LEU E 15 -28.75 -14.98 -30.55
C LEU E 15 -30.03 -15.72 -30.22
N VAL E 16 -30.82 -16.03 -31.24
CA VAL E 16 -32.07 -16.75 -31.03
C VAL E 16 -31.79 -18.19 -30.60
N GLU E 17 -30.75 -18.80 -31.16
CA GLU E 17 -30.41 -20.18 -30.79
C GLU E 17 -30.01 -20.27 -29.33
N GLN E 18 -29.23 -19.30 -28.84
CA GLN E 18 -28.84 -19.30 -27.44
C GLN E 18 -30.05 -19.15 -26.52
N LEU E 19 -30.98 -18.26 -26.87
CA LEU E 19 -32.19 -18.09 -26.07
C LEU E 19 -33.03 -19.37 -26.06
N LYS E 20 -33.15 -20.02 -27.23
CA LYS E 20 -33.90 -21.27 -27.29
C LYS E 20 -33.25 -22.36 -26.44
N MET E 21 -31.92 -22.46 -26.48
CA MET E 21 -31.23 -23.45 -25.67
C MET E 21 -31.38 -23.15 -24.18
N GLU E 22 -31.31 -21.88 -23.80
CA GLU E 22 -31.48 -21.52 -22.39
C GLU E 22 -32.89 -21.75 -21.90
N ALA E 23 -33.89 -21.56 -22.77
CA ALA E 23 -35.27 -21.76 -22.36
C ALA E 23 -35.57 -23.21 -22.05
N ASN E 24 -35.00 -24.14 -22.82
CA ASN E 24 -35.28 -25.56 -22.66
C ASN E 24 -34.28 -26.19 -21.69
N ILE E 25 -34.47 -25.86 -20.40
CA ILE E 25 -33.68 -26.42 -19.32
C ILE E 25 -34.61 -26.86 -18.21
N ASP E 26 -34.12 -27.79 -17.39
CA ASP E 26 -34.89 -28.30 -16.26
C ASP E 26 -34.82 -27.30 -15.11
N ARG E 27 -35.97 -27.02 -14.50
CA ARG E 27 -36.07 -26.06 -13.41
C ARG E 27 -36.88 -26.66 -12.27
N ILE E 28 -36.60 -26.20 -11.05
CA ILE E 28 -37.28 -26.65 -9.85
C ILE E 28 -37.97 -25.46 -9.20
N LYS E 29 -38.83 -25.74 -8.24
CA LYS E 29 -39.52 -24.70 -7.50
C LYS E 29 -38.56 -23.95 -6.60
N VAL E 30 -38.88 -22.68 -6.36
CA VAL E 30 -38.04 -21.85 -5.49
C VAL E 30 -38.05 -22.37 -4.06
N SER E 31 -39.13 -23.01 -3.64
CA SER E 31 -39.20 -23.56 -2.29
C SER E 31 -38.17 -24.65 -2.09
N LYS E 32 -37.99 -25.52 -3.09
CA LYS E 32 -36.99 -26.58 -2.98
C LYS E 32 -35.58 -26.02 -2.87
N ALA E 33 -35.27 -25.00 -3.67
CA ALA E 33 -33.95 -24.37 -3.58
C ALA E 33 -33.75 -23.70 -2.23
N ALA E 34 -34.78 -23.01 -1.72
CA ALA E 34 -34.67 -22.39 -0.41
C ALA E 34 -34.44 -23.43 0.68
N ALA E 35 -35.15 -24.56 0.60
CA ALA E 35 -34.96 -25.62 1.57
C ALA E 35 -33.55 -26.21 1.48
N ASP E 36 -33.02 -26.35 0.25
CA ASP E 36 -31.68 -26.89 0.09
C ASP E 36 -30.63 -25.95 0.70
N LEU E 37 -30.75 -24.65 0.43
CA LEU E 37 -29.82 -23.69 1.02
C LEU E 37 -29.93 -23.67 2.54
N MET E 38 -31.17 -23.73 3.07
CA MET E 38 -31.35 -23.80 4.51
C MET E 38 -30.69 -25.04 5.10
N ALA E 39 -30.87 -26.19 4.43
CA ALA E 39 -30.27 -27.43 4.93
C ALA E 39 -28.76 -27.36 4.94
N TYR E 40 -28.17 -26.84 3.86
CA TYR E 40 -26.71 -26.71 3.82
C TYR E 40 -26.20 -25.77 4.90
N CYS E 41 -26.86 -24.62 5.07
CA CYS E 41 -26.43 -23.67 6.09
C CYS E 41 -26.53 -24.27 7.49
N GLU E 42 -27.65 -24.96 7.78
CA GLU E 42 -27.82 -25.56 9.10
C GLU E 42 -26.80 -26.66 9.34
N ALA E 43 -26.52 -27.46 8.31
CA ALA E 43 -25.57 -28.56 8.46
C ALA E 43 -24.15 -28.05 8.71
N HIS E 44 -23.73 -27.01 7.98
CA HIS E 44 -22.36 -26.54 8.06
C HIS E 44 -22.17 -25.38 9.03
N ALA E 45 -23.22 -24.95 9.72
CA ALA E 45 -23.06 -23.87 10.70
C ALA E 45 -22.22 -24.28 11.90
N LYS E 46 -22.06 -25.58 12.15
CA LYS E 46 -21.30 -26.02 13.31
C LYS E 46 -19.81 -25.72 13.18
N GLU E 47 -19.28 -25.68 11.96
CA GLU E 47 -17.86 -25.44 11.74
C GLU E 47 -17.64 -24.18 10.90
N ASP E 48 -18.37 -23.12 11.23
CA ASP E 48 -18.18 -21.82 10.58
C ASP E 48 -17.55 -20.86 11.59
N PRO E 49 -16.25 -20.59 11.49
CA PRO E 49 -15.62 -19.69 12.47
C PRO E 49 -16.17 -18.29 12.46
N LEU E 50 -16.59 -17.77 11.29
CA LEU E 50 -17.15 -16.43 11.24
C LEU E 50 -18.54 -16.39 11.85
N LEU E 51 -19.39 -17.37 11.52
CA LEU E 51 -20.74 -17.39 12.07
C LEU E 51 -20.73 -17.70 13.56
N THR E 52 -20.00 -18.74 13.96
CA THR E 52 -19.86 -19.11 15.36
C THR E 52 -18.48 -18.70 15.83
N PRO E 53 -18.35 -17.74 16.75
CA PRO E 53 -17.03 -17.26 17.16
C PRO E 53 -16.21 -18.38 17.79
N VAL E 54 -15.08 -18.69 17.15
CA VAL E 54 -14.15 -19.71 17.61
C VAL E 54 -13.49 -19.21 18.89
N PRO E 55 -13.14 -20.08 19.84
CA PRO E 55 -12.40 -19.62 21.03
C PRO E 55 -11.07 -18.97 20.63
N ALA E 56 -10.67 -17.98 21.43
CA ALA E 56 -9.48 -17.20 21.13
C ALA E 56 -8.21 -18.05 21.17
N SER E 57 -8.25 -19.24 21.77
CA SER E 57 -7.10 -20.11 21.76
C SER E 57 -7.12 -21.11 20.61
N GLU E 58 -8.15 -21.08 19.77
CA GLU E 58 -8.31 -22.02 18.67
C GLU E 58 -8.23 -21.35 17.31
N ASN E 59 -7.71 -20.13 17.23
CA ASN E 59 -7.55 -19.45 15.96
C ASN E 59 -6.14 -18.87 15.85
N PRO E 60 -5.60 -18.80 14.64
CA PRO E 60 -4.26 -18.23 14.45
C PRO E 60 -4.21 -16.71 14.48
N PHE E 61 -5.37 -16.04 14.54
CA PHE E 61 -5.45 -14.59 14.61
C PHE E 61 -5.95 -14.24 16.00
N ARG E 62 -5.02 -14.06 16.93
CA ARG E 62 -5.36 -13.74 18.32
C ARG E 62 -4.47 -12.61 18.80
N GLU E 63 -4.97 -11.88 19.79
CA GLU E 63 -4.24 -10.75 20.36
C GLU E 63 -3.00 -11.23 21.13
C01 VMT F . 11.74 34.96 25.51
N01 VMT F . 5.82 32.87 27.08
C02 VMT F . 10.84 34.20 24.77
C03 VMT F . 9.70 33.69 25.37
C04 VMT F . 9.45 33.94 26.72
C05 VMT F . 10.35 34.71 27.46
C06 VMT F . 11.48 35.22 26.85
C07 VMT F . 8.20 33.37 27.38
C08 VMT F . 6.94 33.63 26.55
BR01 VMT F . 13.32 35.68 24.67
#